data_4XJW
#
_entry.id   4XJW
#
_cell.length_a   75.950
_cell.length_b   82.850
_cell.length_c   116.580
_cell.angle_alpha   90.000
_cell.angle_beta   90.000
_cell.angle_gamma   90.000
#
_symmetry.space_group_name_H-M   'P 21 21 21'
#
loop_
_entity.id
_entity.type
_entity.pdbx_description
1 polymer 'Sialidase B'
2 non-polymer '(1s,3R,4S)-1-[(cyclohexylamino)methyl]-3,4-dihydroxycyclopentanesulfonic acid'
3 non-polymer 'DIMETHYL SULFOXIDE'
4 non-polymer 'PHOSPHATE ION'
5 water water
#
_entity_poly.entity_id   1
_entity_poly.type   'polypeptide(L)'
_entity_poly.pdbx_seq_one_letter_code
;ISPIFQGGSYQLNNKSIDISSLLLDKLSGESQTVVMKFKADKPNSLQALFGLSNSKAGFKNNYFSIFMRDSGEIGVEIRD
AQKGINYLFSRPASLWGKHKGQAVENTLVFVSDSKDKTYTMYVNGIEVFSETVDTFLPISNINGIDKATLGAVNREGKEH
YLAKGSIDEISLFNKAISDQEVSTIPLSNPFQLIFQSGDSTQANYFRIPTLYTLSSGRVLSSIDARYGGTHDSKSKINIA
TSYSDDNGKTWSEPIFAMKFNDYEEQLVYWPRDNKLKNSQISGSASFIDSSIVEDKKSGKTILLADVMPAGIGNNNANKA
DSGFKEINGHYYLKLKKNGDNDFRYTVRENGVVYNETTNKPTNYTINDKYEVLEGGKSLTVEQYSVDFDSGSLRERHNGK
QVPMNVFYKDSLFKVTPTNYIAMTTSQNRGESWEQFKLLPPFLGEKHNGTYLCPGQGLALKSSNRLIFATYTSGELTYLI
SDDSGQTWKKSSASIPFKNATAEAQMVELRDGVIRTFFRTTTGKIAYMTSRDSGETWSKVSYIDGIQQTSYGTQVSAIKY
SQLIDGKEAVILSTPNSRSGRKGGQLVVGLVNKEDDSIDWKYHYGIDLPSYGYAYSAITELPNHHIGVLFEKYDSWSRNE
LHLSNVVQYIDLEINDLT
;
_entity_poly.pdbx_strand_id   A
#
loop_
_chem_comp.id
_chem_comp.type
_chem_comp.name
_chem_comp.formula
DMS non-polymer 'DIMETHYL SULFOXIDE' 'C2 H6 O S'
OPX non-polymer '(1s,3R,4S)-1-[(cyclohexylamino)methyl]-3,4-dihydroxycyclopentanesulfonic acid' 'C12 H23 N O5 S'
PO4 non-polymer 'PHOSPHATE ION' 'O4 P -3'
#
# COMPACT_ATOMS: atom_id res chain seq x y z
N ILE A 1 29.23 -22.30 -3.51
CA ILE A 1 30.66 -22.15 -3.24
C ILE A 1 30.91 -21.53 -1.86
N SER A 2 32.20 -21.36 -1.55
CA SER A 2 32.60 -20.68 -0.33
C SER A 2 32.99 -19.25 -0.66
N PRO A 3 32.76 -18.33 0.29
CA PRO A 3 33.18 -16.94 0.08
C PRO A 3 34.70 -16.81 0.01
N ILE A 4 35.19 -15.94 -0.87
CA ILE A 4 36.61 -15.69 -1.00
C ILE A 4 37.09 -14.79 0.13
N PHE A 5 36.12 -14.15 0.79
CA PHE A 5 36.39 -13.29 1.93
C PHE A 5 35.18 -13.31 2.84
N GLN A 6 35.43 -13.25 4.15
CA GLN A 6 34.36 -13.24 5.12
C GLN A 6 34.87 -12.66 6.44
N GLY A 7 34.27 -11.56 6.86
CA GLY A 7 34.69 -10.89 8.08
C GLY A 7 33.51 -10.23 8.75
N GLY A 8 33.66 -9.84 10.02
CA GLY A 8 32.55 -9.25 10.72
C GLY A 8 32.87 -8.41 11.95
N SER A 9 31.81 -7.97 12.61
CA SER A 9 31.91 -7.08 13.77
C SER A 9 32.75 -5.86 13.43
N TYR A 10 32.39 -5.20 12.32
CA TYR A 10 33.03 -3.94 11.94
C TYR A 10 32.21 -2.75 12.41
N GLN A 11 32.81 -1.91 13.24
CA GLN A 11 32.17 -0.69 13.66
C GLN A 11 32.53 0.40 12.66
N LEU A 12 31.51 0.98 12.03
CA LEU A 12 31.70 2.10 11.12
C LEU A 12 31.41 3.39 11.89
N ASN A 13 32.48 4.04 12.35
CA ASN A 13 32.32 5.29 13.07
C ASN A 13 32.99 6.44 12.35
N ASN A 14 32.40 6.83 11.21
CA ASN A 14 32.94 7.88 10.35
C ASN A 14 34.44 7.74 10.12
N LYS A 15 34.85 6.52 9.79
CA LYS A 15 36.25 6.21 9.53
C LYS A 15 36.35 4.94 8.71
N SER A 16 36.94 5.05 7.52
CA SER A 16 37.05 3.92 6.62
C SER A 16 37.88 2.79 7.23
N ILE A 17 37.53 1.56 6.86
CA ILE A 17 38.29 0.38 7.23
C ILE A 17 38.81 -0.26 5.95
N ASP A 18 40.13 -0.38 5.84
CA ASP A 18 40.77 -0.98 4.67
C ASP A 18 40.77 -2.49 4.80
N ILE A 19 40.22 -3.18 3.81
CA ILE A 19 40.26 -4.64 3.76
C ILE A 19 40.93 -5.13 2.47
N SER A 20 41.77 -4.28 1.89
CA SER A 20 42.42 -4.55 0.62
C SER A 20 43.22 -5.86 0.59
N SER A 21 44.06 -6.07 1.60
CA SER A 21 44.93 -7.23 1.62
C SER A 21 44.15 -8.54 1.72
N LEU A 22 42.96 -8.46 2.28
CA LEU A 22 42.13 -9.65 2.52
C LEU A 22 41.25 -10.01 1.32
N LEU A 23 41.24 -9.14 0.31
CA LEU A 23 40.20 -9.24 -0.71
C LEU A 23 40.70 -9.09 -2.16
N LEU A 24 41.57 -8.13 -2.41
CA LEU A 24 41.90 -7.77 -3.80
C LEU A 24 42.56 -8.86 -4.66
N ASP A 25 43.43 -9.66 -4.06
CA ASP A 25 44.06 -10.75 -4.81
C ASP A 25 43.09 -11.90 -5.07
N LYS A 26 42.01 -11.96 -4.28
CA LYS A 26 41.04 -13.04 -4.38
C LYS A 26 39.98 -12.74 -5.44
N LEU A 27 39.79 -11.47 -5.77
CA LEU A 27 38.77 -11.10 -6.76
C LEU A 27 39.14 -11.67 -8.12
N SER A 28 38.24 -12.47 -8.68
CA SER A 28 38.53 -13.25 -9.87
C SER A 28 37.29 -13.45 -10.73
N GLY A 29 37.44 -13.29 -12.05
CA GLY A 29 36.33 -13.49 -12.94
C GLY A 29 35.44 -12.26 -12.93
N GLU A 30 34.39 -12.30 -13.74
CA GLU A 30 33.60 -11.11 -13.99
C GLU A 30 32.28 -11.06 -13.23
N SER A 31 32.00 -12.11 -12.47
CA SER A 31 30.77 -12.16 -11.69
C SER A 31 31.05 -12.23 -10.19
N GLN A 32 30.33 -11.44 -9.42
CA GLN A 32 30.52 -11.40 -7.98
C GLN A 32 29.19 -11.26 -7.24
N THR A 33 29.16 -11.75 -6.02
CA THR A 33 28.02 -11.55 -5.14
C THR A 33 28.55 -11.02 -3.82
N VAL A 34 27.92 -9.96 -3.32
CA VAL A 34 28.26 -9.42 -2.00
C VAL A 34 27.10 -9.71 -1.06
N VAL A 35 27.38 -10.31 0.09
CA VAL A 35 26.37 -10.48 1.12
C VAL A 35 26.79 -9.70 2.35
N MET A 36 25.91 -8.81 2.81
CA MET A 36 26.24 -7.91 3.90
C MET A 36 25.12 -7.86 4.92
N LYS A 37 25.42 -8.23 6.16
CA LYS A 37 24.49 -8.00 7.26
C LYS A 37 24.93 -6.77 8.02
N PHE A 38 24.09 -5.75 8.06
CA PHE A 38 24.51 -4.47 8.63
C PHE A 38 23.40 -3.74 9.37
N LYS A 39 23.81 -2.88 10.29
CA LYS A 39 22.90 -2.06 11.04
C LYS A 39 23.25 -0.60 10.81
N ALA A 40 22.24 0.24 10.75
CA ALA A 40 22.44 1.68 10.63
C ALA A 40 21.21 2.39 11.19
N ASP A 41 21.24 2.70 12.47
CA ASP A 41 20.10 3.34 13.11
C ASP A 41 20.32 4.83 13.28
N LYS A 42 21.53 5.31 12.98
CA LYS A 42 21.81 6.73 12.93
C LYS A 42 22.68 7.06 11.71
N PRO A 43 22.19 6.74 10.51
CA PRO A 43 23.03 6.92 9.30
C PRO A 43 23.26 8.39 8.96
N ASN A 44 24.38 8.67 8.30
CA ASN A 44 24.60 9.98 7.71
C ASN A 44 23.69 10.12 6.48
N SER A 45 23.55 11.33 5.94
CA SER A 45 22.60 11.54 4.85
C SER A 45 22.89 10.67 3.61
N LEU A 46 24.17 10.50 3.31
CA LEU A 46 24.62 9.62 2.23
C LEU A 46 25.91 8.95 2.69
N GLN A 47 25.94 7.62 2.68
CA GLN A 47 27.12 6.89 3.14
C GLN A 47 27.34 5.59 2.37
N ALA A 48 28.61 5.31 2.09
CA ALA A 48 28.99 4.05 1.45
C ALA A 48 29.20 2.97 2.50
N LEU A 49 28.64 1.79 2.25
CA LEU A 49 28.86 0.66 3.14
C LEU A 49 30.10 -0.12 2.69
N PHE A 50 30.28 -0.23 1.38
CA PHE A 50 31.35 -1.02 0.79
C PHE A 50 31.82 -0.31 -0.46
N GLY A 51 33.14 -0.25 -0.64
CA GLY A 51 33.73 0.36 -1.81
C GLY A 51 34.89 -0.45 -2.38
N LEU A 52 34.96 -0.50 -3.70
CA LEU A 52 36.12 -1.04 -4.42
C LEU A 52 36.56 0.05 -5.36
N SER A 53 37.77 0.58 -5.19
CA SER A 53 38.13 1.73 -6.01
C SER A 53 39.56 1.72 -6.52
N ASN A 54 39.77 2.42 -7.64
CA ASN A 54 41.09 2.89 -8.01
C ASN A 54 41.30 4.15 -7.19
N SER A 55 42.23 4.11 -6.24
CA SER A 55 42.42 5.21 -5.32
C SER A 55 43.45 6.25 -5.78
N LYS A 56 43.97 6.08 -7.00
CA LYS A 56 45.05 6.96 -7.47
C LYS A 56 44.56 8.31 -7.94
N ALA A 57 45.42 9.32 -7.82
CA ALA A 57 45.12 10.64 -8.36
C ALA A 57 44.80 10.51 -9.83
N GLY A 58 43.76 11.22 -10.30
CA GLY A 58 43.37 11.16 -11.69
C GLY A 58 42.33 10.09 -12.02
N PHE A 59 42.00 9.25 -11.05
CA PHE A 59 41.06 8.14 -11.30
C PHE A 59 39.88 8.13 -10.32
N LYS A 60 39.40 9.31 -9.96
CA LYS A 60 38.38 9.41 -8.92
C LYS A 60 37.04 8.83 -9.36
N ASN A 61 36.85 8.66 -10.67
CA ASN A 61 35.60 8.08 -11.18
C ASN A 61 35.75 6.62 -11.58
N ASN A 62 36.68 5.93 -10.94
CA ASN A 62 36.86 4.51 -11.16
C ASN A 62 36.59 3.78 -9.86
N TYR A 63 35.34 3.43 -9.62
CA TYR A 63 34.98 2.71 -8.39
C TYR A 63 33.63 2.04 -8.46
N PHE A 64 33.47 1.07 -7.56
CA PHE A 64 32.20 0.43 -7.28
C PHE A 64 31.85 0.75 -5.84
N SER A 65 30.58 1.03 -5.59
CA SER A 65 30.16 1.27 -4.22
C SER A 65 28.76 0.73 -3.99
N ILE A 66 28.52 0.26 -2.77
CA ILE A 66 27.17 0.02 -2.28
C ILE A 66 26.89 1.13 -1.27
N PHE A 67 25.87 1.94 -1.54
CA PHE A 67 25.58 3.08 -0.66
C PHE A 67 24.15 3.07 -0.13
N MET A 68 23.91 3.88 0.89
CA MET A 68 22.57 4.11 1.40
C MET A 68 22.38 5.59 1.71
N ARG A 69 21.12 5.96 1.92
CA ARG A 69 20.77 7.32 2.30
C ARG A 69 19.94 7.27 3.58
N ASP A 70 19.89 8.38 4.30
CA ASP A 70 19.14 8.39 5.55
C ASP A 70 17.62 8.38 5.33
N SER A 71 17.21 8.32 4.07
CA SER A 71 15.80 8.14 3.70
C SER A 71 15.46 6.67 3.68
N GLY A 72 16.48 5.82 3.71
CA GLY A 72 16.27 4.38 3.62
C GLY A 72 16.55 3.84 2.23
N GLU A 73 16.95 4.72 1.29
CA GLU A 73 17.32 4.31 -0.06
C GLU A 73 18.59 3.46 -0.04
N ILE A 74 18.66 2.46 -0.90
CA ILE A 74 19.88 1.69 -1.13
C ILE A 74 20.26 1.80 -2.60
N GLY A 75 21.55 1.79 -2.90
CA GLY A 75 21.98 1.83 -4.28
C GLY A 75 23.39 1.36 -4.50
N VAL A 76 23.77 1.31 -5.77
CA VAL A 76 25.16 1.03 -6.15
C VAL A 76 25.61 2.01 -7.23
N GLU A 77 26.92 2.24 -7.26
CA GLU A 77 27.57 2.93 -8.35
C GLU A 77 28.58 1.98 -8.97
N ILE A 78 28.68 1.99 -10.30
CA ILE A 78 29.68 1.19 -10.99
C ILE A 78 30.27 2.07 -12.08
N ARG A 79 31.53 2.47 -11.89
CA ARG A 79 32.10 3.54 -12.71
C ARG A 79 33.50 3.21 -13.20
N ASP A 80 33.75 3.49 -14.47
CA ASP A 80 35.08 3.32 -15.05
C ASP A 80 35.23 4.36 -16.16
N ALA A 81 36.08 5.35 -15.93
CA ALA A 81 36.21 6.49 -16.83
C ALA A 81 36.82 6.09 -18.16
N GLN A 82 37.71 5.09 -18.13
CA GLN A 82 38.38 4.65 -19.35
C GLN A 82 37.47 3.81 -20.23
N LYS A 83 36.46 3.20 -19.64
CA LYS A 83 35.44 2.47 -20.40
C LYS A 83 34.25 3.38 -20.74
N GLY A 84 34.23 4.57 -20.13
CA GLY A 84 33.14 5.50 -20.34
C GLY A 84 31.83 5.02 -19.75
N ILE A 85 31.92 4.28 -18.65
CA ILE A 85 30.76 3.71 -18.00
C ILE A 85 30.51 4.37 -16.65
N ASN A 86 29.28 4.82 -16.44
CA ASN A 86 28.90 5.38 -15.15
C ASN A 86 27.49 4.97 -14.78
N TYR A 87 27.38 3.85 -14.10
CA TYR A 87 26.08 3.32 -13.74
C TYR A 87 25.72 3.71 -12.31
N LEU A 88 24.47 4.10 -12.12
CA LEU A 88 23.93 4.36 -10.80
C LEU A 88 22.55 3.70 -10.75
N PHE A 89 22.39 2.72 -9.87
CA PHE A 89 21.10 2.06 -9.67
C PHE A 89 20.71 2.16 -8.22
N SER A 90 19.43 2.44 -7.96
CA SER A 90 19.00 2.60 -6.58
C SER A 90 17.50 2.41 -6.47
N ARG A 91 17.02 2.20 -5.25
CA ARG A 91 15.60 2.30 -4.99
C ARG A 91 15.36 2.90 -3.60
N PRO A 92 14.44 3.86 -3.52
CA PRO A 92 14.05 4.40 -2.22
C PRO A 92 13.44 3.33 -1.30
N ALA A 93 13.35 3.66 -0.01
CA ALA A 93 12.59 2.88 0.98
C ALA A 93 12.92 1.39 0.92
N SER A 94 14.21 1.07 1.02
CA SER A 94 14.65 -0.33 0.96
C SER A 94 15.10 -0.93 2.29
N LEU A 95 15.23 -0.10 3.33
CA LEU A 95 15.92 -0.52 4.56
C LEU A 95 15.05 -0.39 5.82
N TRP A 96 15.43 -1.14 6.85
CA TRP A 96 14.92 -0.91 8.19
C TRP A 96 16.01 -0.27 9.05
N GLY A 97 15.59 0.48 10.06
CA GLY A 97 16.54 1.13 10.95
C GLY A 97 16.53 0.53 12.36
N LYS A 98 15.37 0.64 13.02
CA LYS A 98 15.17 0.14 14.38
C LYS A 98 13.83 -0.56 14.51
N HIS A 99 13.74 -1.47 15.49
CA HIS A 99 12.52 -2.20 15.78
C HIS A 99 12.61 -2.60 17.25
N LYS A 100 11.56 -2.29 18.01
CA LYS A 100 11.50 -2.63 19.44
C LYS A 100 12.72 -2.19 20.23
N GLY A 101 13.19 -0.98 19.92
CA GLY A 101 14.31 -0.38 20.63
C GLY A 101 15.69 -0.90 20.29
N GLN A 102 15.81 -1.66 19.20
CA GLN A 102 17.10 -2.21 18.79
C GLN A 102 17.34 -1.98 17.32
N ALA A 103 18.59 -1.68 16.95
CA ALA A 103 18.94 -1.60 15.54
C ALA A 103 18.65 -2.91 14.82
N VAL A 104 18.06 -2.81 13.63
CA VAL A 104 17.72 -3.96 12.80
C VAL A 104 18.92 -4.43 12.00
N GLU A 105 19.13 -5.74 11.96
CA GLU A 105 20.15 -6.30 11.09
C GLU A 105 19.56 -6.49 9.71
N ASN A 106 19.89 -5.58 8.80
CA ASN A 106 19.48 -5.72 7.41
C ASN A 106 20.34 -6.71 6.70
N THR A 107 19.74 -7.48 5.81
CA THR A 107 20.48 -8.47 5.04
C THR A 107 20.49 -8.03 3.59
N LEU A 108 21.67 -7.63 3.10
CA LEU A 108 21.80 -7.12 1.75
C LEU A 108 22.52 -8.17 0.89
N VAL A 109 21.98 -8.44 -0.30
CA VAL A 109 22.64 -9.32 -1.26
C VAL A 109 22.71 -8.62 -2.61
N PHE A 110 23.92 -8.42 -3.12
CA PHE A 110 24.07 -7.76 -4.42
C PHE A 110 24.72 -8.73 -5.39
N VAL A 111 24.05 -8.96 -6.52
CA VAL A 111 24.55 -9.91 -7.51
C VAL A 111 24.97 -9.16 -8.79
N SER A 112 26.23 -9.34 -9.17
CA SER A 112 26.79 -8.75 -10.39
C SER A 112 27.07 -9.89 -11.39
N ASP A 113 26.20 -10.01 -12.39
CA ASP A 113 26.13 -11.19 -13.24
C ASP A 113 26.60 -10.89 -14.65
N SER A 114 27.82 -11.30 -14.97
CA SER A 114 28.41 -11.03 -16.28
C SER A 114 27.74 -11.74 -17.44
N LYS A 115 27.29 -12.98 -17.22
CA LYS A 115 26.67 -13.73 -18.31
C LYS A 115 25.30 -13.17 -18.72
N ASP A 116 24.51 -12.70 -17.75
CA ASP A 116 23.22 -12.09 -18.06
C ASP A 116 23.30 -10.57 -18.11
N LYS A 117 24.50 -10.04 -17.88
CA LYS A 117 24.76 -8.60 -17.90
C LYS A 117 23.79 -7.84 -17.02
N THR A 118 23.55 -8.39 -15.84
CA THR A 118 22.53 -7.85 -14.95
C THR A 118 23.07 -7.59 -13.55
N TYR A 119 22.63 -6.49 -12.95
CA TYR A 119 22.95 -6.17 -11.57
C TYR A 119 21.65 -6.25 -10.80
N THR A 120 21.64 -7.03 -9.72
CA THR A 120 20.42 -7.21 -8.94
C THR A 120 20.69 -6.99 -7.47
N MET A 121 19.84 -6.21 -6.81
CA MET A 121 19.97 -5.93 -5.38
C MET A 121 18.79 -6.49 -4.59
N TYR A 122 19.09 -7.22 -3.51
CA TYR A 122 18.06 -7.67 -2.59
C TYR A 122 18.35 -7.08 -1.23
N VAL A 123 17.33 -6.60 -0.53
CA VAL A 123 17.51 -6.23 0.87
C VAL A 123 16.38 -6.85 1.65
N ASN A 124 16.73 -7.55 2.74
CA ASN A 124 15.74 -8.19 3.60
C ASN A 124 14.81 -9.16 2.85
N GLY A 125 15.40 -9.85 1.87
CA GLY A 125 14.70 -10.87 1.13
C GLY A 125 13.77 -10.32 0.07
N ILE A 126 13.96 -9.04 -0.27
CA ILE A 126 13.15 -8.38 -1.28
C ILE A 126 14.02 -7.86 -2.41
N GLU A 127 13.72 -8.27 -3.64
CA GLU A 127 14.41 -7.71 -4.81
C GLU A 127 13.99 -6.29 -5.03
N VAL A 128 14.92 -5.36 -4.82
CA VAL A 128 14.60 -3.92 -4.92
C VAL A 128 14.97 -3.30 -6.27
N PHE A 129 15.95 -3.89 -6.96
CA PHE A 129 16.16 -3.58 -8.37
C PHE A 129 16.88 -4.70 -9.11
N SER A 130 16.65 -4.77 -10.41
CA SER A 130 17.35 -5.71 -11.27
C SER A 130 17.51 -5.03 -12.60
N GLU A 131 18.76 -4.70 -12.94
CA GLU A 131 19.02 -3.88 -14.12
C GLU A 131 19.95 -4.59 -15.09
N THR A 132 19.44 -4.80 -16.31
CA THR A 132 20.26 -5.36 -17.39
C THR A 132 20.83 -4.24 -18.26
N VAL A 133 22.10 -4.35 -18.63
CA VAL A 133 22.76 -3.30 -19.43
C VAL A 133 23.35 -3.88 -20.72
N ASP A 134 23.54 -3.02 -21.71
CA ASP A 134 24.14 -3.43 -22.98
C ASP A 134 25.64 -3.69 -22.85
N THR A 135 26.32 -2.84 -22.09
CA THR A 135 27.75 -3.01 -21.87
C THR A 135 27.99 -3.25 -20.39
N PHE A 136 28.33 -4.49 -20.06
CA PHE A 136 28.50 -4.87 -18.67
C PHE A 136 29.85 -4.44 -18.14
N LEU A 137 29.87 -3.99 -16.88
CA LEU A 137 31.10 -3.63 -16.19
C LEU A 137 31.25 -4.52 -14.96
N PRO A 138 32.10 -5.56 -15.05
CA PRO A 138 32.41 -6.39 -13.90
C PRO A 138 33.03 -5.54 -12.80
N ILE A 139 32.61 -5.72 -11.55
CA ILE A 139 33.13 -4.88 -10.48
C ILE A 139 34.62 -5.15 -10.26
N SER A 140 35.07 -6.33 -10.64
CA SER A 140 36.47 -6.71 -10.52
C SER A 140 37.32 -6.18 -11.68
N ASN A 141 36.69 -5.62 -12.69
CA ASN A 141 37.45 -5.18 -13.86
C ASN A 141 37.45 -3.67 -14.05
N ILE A 142 37.13 -2.94 -12.99
CA ILE A 142 37.28 -1.48 -13.04
C ILE A 142 38.78 -1.16 -13.12
N ASN A 143 39.16 -0.36 -14.11
CA ASN A 143 40.57 -0.09 -14.38
C ASN A 143 41.33 0.44 -13.17
N GLY A 144 42.37 -0.29 -12.77
CA GLY A 144 43.24 0.18 -11.71
C GLY A 144 42.74 0.07 -10.29
N ILE A 145 41.72 -0.74 -10.05
CA ILE A 145 41.26 -0.98 -8.68
C ILE A 145 42.43 -1.40 -7.79
N ASP A 146 42.58 -0.75 -6.65
CA ASP A 146 43.67 -1.05 -5.71
C ASP A 146 43.26 -0.93 -4.25
N LYS A 147 41.98 -0.69 -4.00
CA LYS A 147 41.49 -0.53 -2.63
C LYS A 147 40.13 -1.16 -2.43
N ALA A 148 39.97 -1.89 -1.33
CA ALA A 148 38.67 -2.39 -0.89
C ALA A 148 38.38 -1.77 0.47
N THR A 149 37.20 -1.18 0.63
CA THR A 149 36.94 -0.34 1.78
C THR A 149 35.58 -0.63 2.41
N LEU A 150 35.52 -0.59 3.74
CA LEU A 150 34.22 -0.57 4.44
C LEU A 150 33.95 0.80 5.03
N GLY A 151 32.71 1.27 4.91
CA GLY A 151 32.30 2.52 5.52
C GLY A 151 32.78 3.80 4.85
N ALA A 152 33.27 3.67 3.60
CA ALA A 152 33.72 4.80 2.79
C ALA A 152 34.11 4.31 1.40
N VAL A 153 34.36 5.26 0.49
CA VAL A 153 35.02 4.96 -0.79
C VAL A 153 36.29 5.79 -0.86
N ASN A 154 37.41 5.14 -1.19
CA ASN A 154 38.69 5.84 -1.29
C ASN A 154 38.89 6.39 -2.70
N ARG A 155 38.84 7.70 -2.82
CA ARG A 155 39.02 8.37 -4.12
C ARG A 155 40.18 9.35 -4.02
N GLU A 156 41.18 9.18 -4.89
CA GLU A 156 42.40 10.00 -4.86
C GLU A 156 43.05 10.02 -3.48
N GLY A 157 42.99 8.87 -2.79
CA GLY A 157 43.62 8.74 -1.49
C GLY A 157 42.85 9.35 -0.34
N LYS A 158 41.62 9.79 -0.59
CA LYS A 158 40.81 10.38 0.47
C LYS A 158 39.46 9.70 0.65
N GLU A 159 38.89 9.79 1.86
CA GLU A 159 37.65 9.10 2.21
C GLU A 159 36.43 9.89 1.73
N HIS A 160 35.57 9.22 0.99
CA HIS A 160 34.29 9.80 0.58
C HIS A 160 33.15 8.97 1.16
N TYR A 161 32.01 9.63 1.42
CA TYR A 161 30.79 8.94 1.84
C TYR A 161 30.96 8.15 3.14
N LEU A 162 31.60 8.77 4.12
CA LEU A 162 31.82 8.16 5.42
C LEU A 162 30.53 7.68 6.06
N ALA A 163 30.58 6.48 6.64
CA ALA A 163 29.39 5.85 7.20
C ALA A 163 29.36 5.73 8.72
N LYS A 164 28.15 5.84 9.27
CA LYS A 164 27.89 5.53 10.67
C LYS A 164 26.98 4.32 10.72
N GLY A 165 27.42 3.25 11.37
CA GLY A 165 26.66 2.01 11.43
C GLY A 165 27.59 0.88 11.76
N SER A 166 27.18 -0.36 11.47
CA SER A 166 28.05 -1.49 11.69
C SER A 166 27.80 -2.59 10.67
N ILE A 167 28.86 -3.27 10.27
CA ILE A 167 28.73 -4.42 9.40
C ILE A 167 29.01 -5.67 10.23
N ASP A 168 27.97 -6.38 10.60
CA ASP A 168 28.14 -7.54 11.46
C ASP A 168 28.75 -8.73 10.72
N GLU A 169 28.41 -8.87 9.44
CA GLU A 169 28.96 -9.92 8.59
C GLU A 169 29.05 -9.40 7.14
N ILE A 170 30.16 -9.71 6.47
CA ILE A 170 30.25 -9.43 5.04
C ILE A 170 31.00 -10.57 4.32
N SER A 171 30.40 -11.05 3.23
CA SER A 171 30.98 -12.14 2.45
C SER A 171 31.02 -11.76 0.97
N LEU A 172 32.06 -12.21 0.27
CA LEU A 172 32.20 -11.96 -1.17
C LEU A 172 32.36 -13.31 -1.85
N PHE A 173 31.67 -13.49 -2.97
CA PHE A 173 31.76 -14.72 -3.76
C PHE A 173 32.14 -14.40 -5.20
N ASN A 174 33.02 -15.20 -5.80
CA ASN A 174 33.34 -15.05 -7.22
C ASN A 174 32.36 -15.80 -8.12
N LYS A 175 31.08 -15.53 -7.89
CA LYS A 175 30.01 -16.11 -8.69
C LYS A 175 28.80 -15.21 -8.55
N ALA A 176 27.95 -15.19 -9.57
CA ALA A 176 26.62 -14.61 -9.45
C ALA A 176 25.70 -15.70 -8.94
N ILE A 177 25.36 -15.65 -7.66
CA ILE A 177 24.49 -16.70 -7.12
C ILE A 177 23.06 -16.55 -7.63
N SER A 178 22.38 -17.68 -7.82
CA SER A 178 21.04 -17.70 -8.38
C SER A 178 20.01 -17.15 -7.41
N ASP A 179 18.86 -16.75 -7.95
CA ASP A 179 17.74 -16.30 -7.14
C ASP A 179 17.38 -17.36 -6.09
N GLN A 180 17.40 -18.63 -6.50
CA GLN A 180 17.16 -19.74 -5.60
C GLN A 180 18.15 -19.74 -4.44
N GLU A 181 19.44 -19.59 -4.77
CA GLU A 181 20.47 -19.53 -3.74
C GLU A 181 20.23 -18.35 -2.80
N VAL A 182 19.94 -17.18 -3.36
CA VAL A 182 19.66 -15.98 -2.57
C VAL A 182 18.57 -16.26 -1.53
N SER A 183 17.53 -16.99 -1.93
CA SER A 183 16.40 -17.23 -1.01
C SER A 183 16.77 -18.12 0.17
N THR A 184 17.93 -18.76 0.14
CA THR A 184 18.38 -19.62 1.23
C THR A 184 19.22 -18.88 2.27
N ILE A 185 19.58 -17.64 1.97
CA ILE A 185 20.38 -16.86 2.91
C ILE A 185 19.50 -16.47 4.10
N PRO A 186 19.92 -16.85 5.31
CA PRO A 186 19.07 -16.58 6.47
C PRO A 186 18.90 -15.07 6.72
N LEU A 187 17.67 -14.68 7.03
CA LEU A 187 17.32 -13.29 7.25
C LEU A 187 17.12 -12.99 8.73
N SER A 188 17.10 -11.70 9.06
CA SER A 188 16.83 -11.27 10.43
C SER A 188 15.78 -10.16 10.38
N ASN A 189 14.73 -10.40 9.61
CA ASN A 189 13.72 -9.38 9.35
C ASN A 189 12.81 -9.12 10.55
N PRO A 190 12.47 -7.85 10.78
CA PRO A 190 11.52 -7.49 11.85
C PRO A 190 10.07 -7.53 11.39
N PHE A 191 9.87 -7.84 10.10
CA PHE A 191 8.54 -7.77 9.48
C PHE A 191 8.30 -9.03 8.65
N GLN A 192 7.05 -9.22 8.21
CA GLN A 192 6.75 -10.22 7.20
C GLN A 192 5.87 -9.63 6.11
N LEU A 193 5.73 -10.37 5.02
CA LEU A 193 4.87 -9.97 3.92
C LEU A 193 3.61 -10.81 3.92
N ILE A 194 2.46 -10.16 3.76
CA ILE A 194 1.18 -10.81 3.54
C ILE A 194 0.89 -10.87 2.04
N PHE A 195 0.86 -9.71 1.41
CA PHE A 195 0.72 -9.59 -0.04
C PHE A 195 2.08 -9.27 -0.61
N GLN A 196 2.44 -9.87 -1.74
CA GLN A 196 3.77 -9.61 -2.28
C GLN A 196 3.81 -9.85 -3.78
N SER A 197 4.76 -9.20 -4.45
CA SER A 197 4.93 -9.37 -5.90
C SER A 197 5.08 -10.83 -6.31
N GLY A 198 4.31 -11.25 -7.30
CA GLY A 198 4.43 -12.60 -7.82
C GLY A 198 3.50 -13.59 -7.14
N ASP A 199 2.73 -13.10 -6.16
CA ASP A 199 1.70 -13.94 -5.56
C ASP A 199 0.48 -14.15 -6.47
N SER A 200 -0.55 -14.77 -5.93
CA SER A 200 -1.75 -15.11 -6.69
C SER A 200 -2.48 -13.92 -7.32
N THR A 201 -2.26 -12.71 -6.81
CA THR A 201 -2.93 -11.53 -7.37
C THR A 201 -2.33 -11.12 -8.70
N GLN A 202 -1.05 -11.44 -8.88
CA GLN A 202 -0.25 -10.98 -10.02
C GLN A 202 -0.17 -9.47 -10.15
N ALA A 203 -0.51 -8.75 -9.09
CA ALA A 203 -0.20 -7.33 -9.06
C ALA A 203 1.21 -7.16 -8.54
N ASN A 204 1.94 -6.25 -9.15
CA ASN A 204 3.29 -5.97 -8.70
C ASN A 204 3.32 -4.93 -7.57
N TYR A 205 2.18 -4.30 -7.30
CA TYR A 205 2.12 -3.20 -6.32
C TYR A 205 0.92 -3.35 -5.40
N PHE A 206 1.05 -2.85 -4.18
CA PHE A 206 -0.03 -2.92 -3.19
C PHE A 206 -0.10 -1.62 -2.44
N ARG A 207 -1.32 -1.21 -2.07
CA ARG A 207 -1.52 0.01 -1.29
C ARG A 207 -2.79 -0.18 -0.48
N ILE A 208 -2.94 0.67 0.54
CA ILE A 208 -4.17 0.79 1.31
C ILE A 208 -4.52 -0.48 2.11
N PRO A 209 -3.67 -0.86 3.06
CA PRO A 209 -3.89 -2.09 3.84
C PRO A 209 -4.98 -1.92 4.88
N THR A 210 -5.64 -3.04 5.20
CA THR A 210 -6.60 -3.10 6.31
C THR A 210 -6.32 -4.36 7.13
N LEU A 211 -6.77 -4.33 8.39
CA LEU A 211 -6.73 -5.50 9.27
C LEU A 211 -7.98 -5.49 10.13
N TYR A 212 -8.49 -6.67 10.47
CA TYR A 212 -9.67 -6.77 11.31
C TYR A 212 -9.65 -8.12 11.99
N THR A 213 -9.93 -8.13 13.29
CA THR A 213 -9.90 -9.37 14.06
C THR A 213 -11.33 -9.91 14.19
N LEU A 214 -11.55 -11.08 13.62
CA LEU A 214 -12.87 -11.72 13.63
C LEU A 214 -13.13 -12.43 14.95
N SER A 215 -14.41 -12.69 15.21
CA SER A 215 -14.81 -13.32 16.48
C SER A 215 -14.21 -14.72 16.67
N SER A 216 -13.94 -15.41 15.57
CA SER A 216 -13.34 -16.74 15.66
C SER A 216 -11.87 -16.66 16.05
N GLY A 217 -11.28 -15.47 15.98
CA GLY A 217 -9.85 -15.29 16.22
C GLY A 217 -9.05 -15.19 14.93
N ARG A 218 -9.69 -15.52 13.81
CA ARG A 218 -9.09 -15.29 12.51
C ARG A 218 -8.88 -13.79 12.29
N VAL A 219 -7.71 -13.43 11.79
CA VAL A 219 -7.41 -12.03 11.48
C VAL A 219 -7.44 -11.90 9.97
N LEU A 220 -8.23 -10.94 9.47
CA LEU A 220 -8.45 -10.75 8.04
C LEU A 220 -7.78 -9.46 7.60
N SER A 221 -7.21 -9.48 6.40
CA SER A 221 -6.61 -8.27 5.81
C SER A 221 -7.12 -8.09 4.40
N SER A 222 -7.44 -6.84 4.05
CA SER A 222 -7.70 -6.51 2.64
C SER A 222 -6.71 -5.46 2.15
N ILE A 223 -6.65 -5.30 0.83
CA ILE A 223 -5.64 -4.47 0.20
C ILE A 223 -6.06 -4.12 -1.21
N ASP A 224 -5.57 -2.98 -1.70
CA ASP A 224 -5.60 -2.69 -3.14
C ASP A 224 -4.45 -3.44 -3.79
N ALA A 225 -4.78 -4.32 -4.72
CA ALA A 225 -3.80 -4.98 -5.57
C ALA A 225 -3.71 -4.06 -6.80
N ARG A 226 -2.62 -3.30 -6.89
CA ARG A 226 -2.53 -2.26 -7.90
C ARG A 226 -1.61 -2.69 -9.04
N TYR A 227 -2.17 -2.70 -10.25
CA TYR A 227 -1.45 -3.29 -11.38
C TYR A 227 -0.61 -2.30 -12.17
N GLY A 228 -1.13 -1.08 -12.31
CA GLY A 228 -0.49 -0.03 -13.13
C GLY A 228 0.38 0.88 -12.29
N GLY A 229 1.41 0.31 -11.68
CA GLY A 229 2.19 1.05 -10.71
C GLY A 229 1.36 1.30 -9.46
N THR A 230 1.79 2.26 -8.63
CA THR A 230 1.10 2.55 -7.38
C THR A 230 -0.01 3.61 -7.50
N HIS A 231 -0.23 4.12 -8.71
CA HIS A 231 -1.21 5.20 -8.92
C HIS A 231 -2.62 4.87 -8.42
N ASP A 232 -3.29 5.87 -7.84
CA ASP A 232 -4.72 5.76 -7.59
C ASP A 232 -5.45 5.62 -8.92
N SER A 233 -6.72 5.23 -8.86
CA SER A 233 -7.61 5.27 -10.03
C SER A 233 -7.55 6.65 -10.70
N LYS A 234 -7.67 6.75 -12.04
CA LYS A 234 -7.92 5.64 -12.95
C LYS A 234 -6.71 4.71 -13.04
N SER A 235 -6.99 3.41 -13.02
CA SER A 235 -5.94 2.41 -13.17
C SER A 235 -6.61 1.05 -13.32
N LYS A 236 -5.82 -0.03 -13.24
CA LYS A 236 -6.38 -1.33 -12.94
C LYS A 236 -6.00 -1.65 -11.50
N ILE A 237 -7.02 -1.79 -10.67
CA ILE A 237 -6.84 -2.17 -9.28
C ILE A 237 -7.95 -3.14 -8.89
N ASN A 238 -7.58 -4.22 -8.17
CA ASN A 238 -8.55 -5.15 -7.59
C ASN A 238 -8.44 -5.09 -6.07
N ILE A 239 -9.45 -5.58 -5.35
CA ILE A 239 -9.34 -5.73 -3.90
C ILE A 239 -9.02 -7.18 -3.57
N ALA A 240 -7.94 -7.40 -2.83
CA ALA A 240 -7.50 -8.76 -2.47
C ALA A 240 -7.57 -8.93 -0.97
N THR A 241 -7.69 -10.18 -0.53
CA THR A 241 -7.74 -10.50 0.90
C THR A 241 -6.88 -11.69 1.25
N SER A 242 -6.46 -11.73 2.51
CA SER A 242 -5.72 -12.86 3.10
C SER A 242 -6.06 -12.93 4.60
N TYR A 243 -6.00 -14.12 5.18
CA TYR A 243 -6.30 -14.24 6.62
C TYR A 243 -5.24 -15.07 7.33
N SER A 244 -5.15 -14.87 8.64
CA SER A 244 -4.25 -15.66 9.47
C SER A 244 -5.06 -16.31 10.58
N ASP A 245 -4.81 -17.61 10.82
CA ASP A 245 -5.47 -18.33 11.90
C ASP A 245 -4.56 -18.55 13.09
N ASP A 246 -3.34 -18.03 13.04
CA ASP A 246 -2.38 -18.24 14.10
C ASP A 246 -1.81 -16.92 14.60
N ASN A 247 -2.70 -15.96 14.81
CA ASN A 247 -2.34 -14.67 15.39
C ASN A 247 -1.29 -13.89 14.58
N GLY A 248 -1.36 -14.05 13.27
CA GLY A 248 -0.51 -13.30 12.35
C GLY A 248 0.80 -13.96 11.99
N LYS A 249 1.06 -15.17 12.50
CA LYS A 249 2.32 -15.82 12.18
C LYS A 249 2.41 -16.25 10.72
N THR A 250 1.30 -16.76 10.18
CA THR A 250 1.24 -17.18 8.78
C THR A 250 -0.07 -16.70 8.16
N TRP A 251 -0.03 -16.49 6.84
CA TRP A 251 -1.11 -15.89 6.09
C TRP A 251 -1.48 -16.74 4.89
N SER A 252 -2.76 -16.75 4.55
CA SER A 252 -3.25 -17.52 3.41
C SER A 252 -2.86 -16.91 2.07
N GLU A 253 -2.80 -17.74 1.04
CA GLU A 253 -2.57 -17.21 -0.31
C GLU A 253 -3.74 -16.29 -0.63
N PRO A 254 -3.46 -15.08 -1.12
CA PRO A 254 -4.54 -14.12 -1.35
C PRO A 254 -5.61 -14.59 -2.36
N ILE A 255 -6.82 -14.09 -2.17
CA ILE A 255 -7.90 -14.26 -3.14
C ILE A 255 -8.44 -12.88 -3.45
N PHE A 256 -9.30 -12.79 -4.45
CA PHE A 256 -9.95 -11.50 -4.72
C PHE A 256 -11.30 -11.41 -4.04
N ALA A 257 -11.57 -10.24 -3.45
CA ALA A 257 -12.88 -9.88 -2.94
C ALA A 257 -13.71 -9.14 -3.98
N MET A 258 -13.04 -8.28 -4.76
CA MET A 258 -13.67 -7.56 -5.87
C MET A 258 -12.68 -7.49 -7.01
N LYS A 259 -13.13 -7.84 -8.21
CA LYS A 259 -12.24 -7.82 -9.37
C LYS A 259 -13.02 -7.51 -10.63
N PHE A 260 -12.30 -6.95 -11.60
CA PHE A 260 -12.81 -6.74 -12.95
C PHE A 260 -11.87 -7.45 -13.91
N ASN A 261 -12.40 -7.81 -15.08
CA ASN A 261 -11.62 -8.60 -16.03
C ASN A 261 -11.48 -7.96 -17.40
N ASP A 262 -11.82 -6.67 -17.47
CA ASP A 262 -11.66 -5.92 -18.71
C ASP A 262 -10.18 -5.78 -19.10
N TYR A 263 -9.31 -5.74 -18.11
CA TYR A 263 -7.87 -5.80 -18.35
C TYR A 263 -7.26 -7.02 -17.68
N GLU A 264 -6.25 -7.60 -18.33
CA GLU A 264 -5.51 -8.75 -17.80
C GLU A 264 -4.81 -8.42 -16.48
N GLU A 265 -4.74 -9.40 -15.58
CA GLU A 265 -3.93 -9.25 -14.37
C GLU A 265 -2.47 -9.46 -14.74
N GLN A 266 -1.73 -8.37 -14.91
CA GLN A 266 -0.33 -8.44 -15.35
C GLN A 266 0.62 -7.96 -14.28
N LEU A 267 1.69 -8.72 -14.08
CA LEU A 267 2.78 -8.33 -13.21
C LEU A 267 3.73 -7.48 -14.05
N VAL A 268 3.62 -6.15 -13.92
CA VAL A 268 4.37 -5.24 -14.78
C VAL A 268 5.34 -4.43 -13.95
N TYR A 269 6.57 -4.29 -14.46
CA TYR A 269 7.50 -3.33 -13.89
C TYR A 269 7.12 -1.95 -14.41
N TRP A 270 6.57 -1.12 -13.53
CA TRP A 270 6.16 0.22 -13.93
C TRP A 270 7.37 1.14 -13.91
N PRO A 271 7.54 1.94 -14.96
CA PRO A 271 8.73 2.80 -15.06
C PRO A 271 8.81 3.85 -13.94
N ARG A 272 10.03 4.07 -13.45
CA ARG A 272 10.30 5.01 -12.37
C ARG A 272 11.05 6.27 -12.82
N ASP A 273 11.37 6.37 -14.11
CA ASP A 273 12.07 7.56 -14.61
C ASP A 273 11.15 8.78 -14.70
N ASN A 274 11.74 9.96 -14.82
CA ASN A 274 10.95 11.19 -14.83
C ASN A 274 10.16 11.49 -16.12
N LYS A 275 10.41 10.75 -17.19
CA LYS A 275 9.57 10.93 -18.38
C LYS A 275 8.31 10.08 -18.28
N LEU A 276 8.46 8.84 -17.82
CA LEU A 276 7.38 7.85 -17.89
C LEU A 276 6.62 7.54 -16.60
N LYS A 277 7.15 7.91 -15.44
CA LYS A 277 6.55 7.46 -14.17
C LYS A 277 5.07 7.84 -13.97
N ASN A 278 4.59 8.90 -14.61
CA ASN A 278 3.15 9.22 -14.54
C ASN A 278 2.27 8.47 -15.52
N SER A 279 2.86 7.57 -16.29
CA SER A 279 2.08 6.68 -17.14
C SER A 279 1.03 5.99 -16.28
N GLN A 280 -0.19 5.94 -16.80
CA GLN A 280 -1.33 5.51 -16.01
C GLN A 280 -2.30 4.75 -16.88
N ILE A 281 -2.69 3.54 -16.47
CA ILE A 281 -3.65 2.75 -17.21
C ILE A 281 -4.96 3.52 -17.26
N SER A 282 -5.43 3.82 -18.45
CA SER A 282 -6.48 4.81 -18.61
C SER A 282 -7.80 4.30 -19.16
N GLY A 283 -7.87 3.01 -19.50
CA GLY A 283 -9.11 2.44 -20.01
C GLY A 283 -9.72 1.33 -19.18
N SER A 284 -9.20 1.13 -17.96
CA SER A 284 -9.63 0.04 -17.09
C SER A 284 -10.58 0.48 -16.00
N ALA A 285 -11.53 -0.39 -15.68
CA ALA A 285 -12.33 -0.22 -14.46
C ALA A 285 -11.46 -0.60 -13.27
N SER A 286 -11.83 -0.14 -12.07
CA SER A 286 -11.04 -0.45 -10.89
C SER A 286 -11.87 -0.38 -9.62
N PHE A 287 -11.34 -0.98 -8.57
CA PHE A 287 -11.84 -0.78 -7.21
C PHE A 287 -10.75 -0.08 -6.44
N ILE A 288 -11.11 0.67 -5.41
CA ILE A 288 -10.08 1.38 -4.66
C ILE A 288 -10.59 1.68 -3.25
N ASP A 289 -9.72 1.53 -2.25
CA ASP A 289 -10.03 1.86 -0.85
C ASP A 289 -11.09 0.95 -0.22
N SER A 290 -10.62 -0.10 0.44
CA SER A 290 -11.52 -1.07 1.04
C SER A 290 -11.64 -0.92 2.55
N SER A 291 -12.71 -1.51 3.08
CA SER A 291 -13.00 -1.45 4.52
C SER A 291 -13.76 -2.71 4.93
N ILE A 292 -13.45 -3.24 6.12
CA ILE A 292 -14.02 -4.51 6.59
C ILE A 292 -14.74 -4.37 7.93
N VAL A 293 -15.83 -5.10 8.10
CA VAL A 293 -16.46 -5.24 9.41
C VAL A 293 -17.05 -6.64 9.52
N GLU A 294 -17.22 -7.12 10.74
CA GLU A 294 -17.92 -8.39 10.93
C GLU A 294 -19.28 -8.13 11.54
N ASP A 295 -20.30 -8.82 11.03
CA ASP A 295 -21.67 -8.67 11.52
C ASP A 295 -22.03 -9.76 12.50
N LYS A 296 -22.47 -9.38 13.69
CA LYS A 296 -22.86 -10.38 14.69
C LYS A 296 -24.16 -11.08 14.35
N LYS A 297 -25.10 -10.35 13.76
CA LYS A 297 -26.40 -10.94 13.44
C LYS A 297 -26.30 -12.14 12.49
N SER A 298 -25.78 -11.88 11.29
CA SER A 298 -25.66 -12.92 10.27
C SER A 298 -24.41 -13.76 10.47
N GLY A 299 -23.41 -13.19 11.15
CA GLY A 299 -22.09 -13.81 11.23
C GLY A 299 -21.21 -13.55 10.02
N LYS A 300 -21.75 -12.83 9.02
CA LYS A 300 -21.03 -12.56 7.79
C LYS A 300 -19.93 -11.51 7.99
N THR A 301 -18.88 -11.62 7.19
CA THR A 301 -17.90 -10.54 7.11
C THR A 301 -18.33 -9.69 5.94
N ILE A 302 -18.27 -8.38 6.11
CA ILE A 302 -18.71 -7.45 5.09
C ILE A 302 -17.57 -6.54 4.65
N LEU A 303 -17.35 -6.46 3.34
CA LEU A 303 -16.28 -5.61 2.81
C LEU A 303 -16.86 -4.59 1.84
N LEU A 304 -16.51 -3.33 2.04
CA LEU A 304 -16.90 -2.27 1.12
C LEU A 304 -15.68 -1.75 0.35
N ALA A 305 -15.89 -1.22 -0.84
CA ALA A 305 -14.84 -0.52 -1.60
C ALA A 305 -15.45 0.50 -2.55
N ASP A 306 -14.66 1.48 -2.97
CA ASP A 306 -15.13 2.34 -4.05
C ASP A 306 -15.06 1.57 -5.36
N VAL A 307 -15.99 1.85 -6.27
CA VAL A 307 -15.93 1.27 -7.61
C VAL A 307 -15.81 2.39 -8.63
N MET A 308 -14.86 2.22 -9.55
CA MET A 308 -14.61 3.17 -10.63
C MET A 308 -14.87 2.55 -11.99
N PRO A 309 -15.75 3.17 -12.79
CA PRO A 309 -15.93 2.74 -14.18
C PRO A 309 -14.64 2.94 -14.99
N ALA A 310 -14.61 2.32 -16.16
CA ALA A 310 -13.43 2.40 -17.03
C ALA A 310 -12.92 3.83 -17.20
N GLY A 311 -11.64 4.01 -16.92
CA GLY A 311 -10.97 5.29 -17.11
C GLY A 311 -11.33 6.36 -16.11
N ILE A 312 -12.01 5.98 -15.03
CA ILE A 312 -12.47 6.95 -14.03
C ILE A 312 -11.67 6.84 -12.73
N GLY A 313 -11.39 8.00 -12.13
CA GLY A 313 -10.78 8.09 -10.81
C GLY A 313 -11.30 9.36 -10.14
N ASN A 314 -10.77 9.68 -8.96
CA ASN A 314 -11.22 10.86 -8.22
C ASN A 314 -11.23 12.13 -9.05
N ASN A 315 -10.20 12.29 -9.88
CA ASN A 315 -9.93 13.51 -10.64
CA ASN A 315 -10.00 13.57 -10.56
C ASN A 315 -10.98 13.84 -11.69
N ASN A 316 -11.51 12.80 -12.33
CA ASN A 316 -12.41 13.00 -13.47
C ASN A 316 -13.83 12.46 -13.29
N ALA A 317 -14.14 11.98 -12.09
CA ALA A 317 -15.47 11.48 -11.79
C ALA A 317 -16.48 12.62 -11.78
N ASN A 318 -17.63 12.41 -12.42
CA ASN A 318 -18.68 13.42 -12.45
C ASN A 318 -19.22 13.68 -11.05
N LYS A 319 -18.92 14.86 -10.52
CA LYS A 319 -19.27 15.20 -9.13
C LYS A 319 -20.75 15.51 -8.96
N ALA A 320 -21.46 15.75 -10.07
CA ALA A 320 -22.84 16.19 -10.01
C ALA A 320 -23.84 15.14 -10.50
N ASP A 321 -23.45 13.88 -10.41
CA ASP A 321 -24.30 12.79 -10.87
C ASP A 321 -24.04 11.55 -10.03
N SER A 322 -25.09 10.99 -9.46
CA SER A 322 -24.99 9.80 -8.60
C SER A 322 -24.90 8.52 -9.42
N GLY A 323 -25.38 8.60 -10.66
CA GLY A 323 -25.46 7.42 -11.51
C GLY A 323 -26.78 6.69 -11.39
N PHE A 324 -27.68 7.19 -10.54
CA PHE A 324 -28.96 6.54 -10.32
C PHE A 324 -30.12 7.49 -10.56
N LYS A 325 -31.23 6.95 -11.06
CA LYS A 325 -32.48 7.70 -11.12
C LYS A 325 -33.35 7.33 -9.93
N GLU A 326 -33.78 8.34 -9.17
CA GLU A 326 -34.71 8.09 -8.07
C GLU A 326 -36.12 8.17 -8.61
N ILE A 327 -36.90 7.11 -8.36
CA ILE A 327 -38.31 7.08 -8.73
C ILE A 327 -39.11 6.57 -7.55
N ASN A 328 -39.83 7.48 -6.90
CA ASN A 328 -40.65 7.15 -5.73
C ASN A 328 -39.88 6.39 -4.65
N GLY A 329 -38.71 6.91 -4.30
CA GLY A 329 -37.92 6.33 -3.22
C GLY A 329 -37.18 5.06 -3.61
N HIS A 330 -37.13 4.77 -4.91
CA HIS A 330 -36.32 3.66 -5.40
C HIS A 330 -35.24 4.19 -6.33
N TYR A 331 -34.05 3.61 -6.25
CA TYR A 331 -32.93 4.06 -7.05
C TYR A 331 -32.57 3.04 -8.12
N TYR A 332 -32.51 3.50 -9.36
CA TYR A 332 -32.23 2.61 -10.47
C TYR A 332 -30.98 3.08 -11.20
N LEU A 333 -30.07 2.15 -11.45
CA LEU A 333 -28.82 2.43 -12.14
C LEU A 333 -29.09 2.87 -13.57
N LYS A 334 -28.56 4.04 -13.95
CA LYS A 334 -28.75 4.58 -15.29
C LYS A 334 -27.73 3.97 -16.23
N LEU A 335 -28.14 3.75 -17.48
CA LEU A 335 -27.23 3.24 -18.50
C LEU A 335 -27.32 4.05 -19.78
N LYS A 336 -26.19 4.17 -20.46
CA LYS A 336 -26.12 4.81 -21.77
C LYS A 336 -25.77 3.73 -22.79
N LYS A 337 -26.54 3.68 -23.87
CA LYS A 337 -26.29 2.69 -24.90
C LYS A 337 -25.34 3.26 -25.93
N ASN A 338 -24.49 2.42 -26.51
CA ASN A 338 -23.51 2.92 -27.48
C ASN A 338 -24.21 3.61 -28.65
N GLY A 339 -23.73 4.80 -28.99
CA GLY A 339 -24.37 5.60 -30.03
C GLY A 339 -25.17 6.76 -29.47
N ASP A 340 -25.77 6.57 -28.30
CA ASP A 340 -26.53 7.62 -27.63
C ASP A 340 -25.58 8.61 -26.94
N ASN A 341 -25.99 9.88 -26.86
CA ASN A 341 -25.23 10.87 -26.11
C ASN A 341 -25.83 11.13 -24.73
N ASP A 342 -26.98 10.51 -24.47
CA ASP A 342 -27.65 10.64 -23.20
C ASP A 342 -27.88 9.26 -22.56
N PHE A 343 -28.29 9.25 -21.29
CA PHE A 343 -28.60 8.02 -20.59
C PHE A 343 -30.10 7.74 -20.68
N ARG A 344 -30.47 6.89 -21.63
CA ARG A 344 -31.88 6.64 -21.93
C ARG A 344 -32.42 5.36 -21.32
N TYR A 345 -31.62 4.73 -20.45
CA TYR A 345 -31.97 3.43 -19.87
C TYR A 345 -31.76 3.38 -18.35
N THR A 346 -32.51 2.50 -17.70
CA THR A 346 -32.31 2.18 -16.29
C THR A 346 -32.32 0.67 -16.10
N VAL A 347 -31.66 0.22 -15.04
CA VAL A 347 -31.72 -1.19 -14.66
C VAL A 347 -32.82 -1.32 -13.61
N ARG A 348 -33.87 -2.06 -13.93
CA ARG A 348 -35.00 -2.20 -13.01
C ARG A 348 -34.96 -3.51 -12.26
N GLU A 349 -36.08 -3.86 -11.62
CA GLU A 349 -36.21 -5.11 -10.90
C GLU A 349 -35.91 -6.30 -11.81
N ASN A 350 -35.30 -7.34 -11.24
CA ASN A 350 -34.90 -8.53 -11.97
C ASN A 350 -33.87 -8.28 -13.07
N GLY A 351 -33.24 -7.11 -13.03
CA GLY A 351 -32.15 -6.80 -13.93
C GLY A 351 -32.58 -6.36 -15.31
N VAL A 352 -33.88 -6.12 -15.47
CA VAL A 352 -34.42 -5.71 -16.78
C VAL A 352 -33.95 -4.31 -17.17
N VAL A 353 -33.32 -4.21 -18.33
CA VAL A 353 -32.90 -2.92 -18.86
C VAL A 353 -34.11 -2.23 -19.50
N TYR A 354 -34.49 -1.09 -18.95
CA TYR A 354 -35.71 -0.39 -19.34
C TYR A 354 -35.37 0.88 -20.11
N ASN A 355 -36.02 1.06 -21.26
CA ASN A 355 -35.87 2.28 -22.04
C ASN A 355 -36.74 3.39 -21.43
N GLU A 356 -36.11 4.44 -20.92
CA GLU A 356 -36.80 5.49 -20.19
C GLU A 356 -37.65 6.35 -21.11
N THR A 357 -37.19 6.49 -22.36
CA THR A 357 -37.86 7.38 -23.31
C THR A 357 -39.11 6.76 -23.95
N THR A 358 -39.20 5.42 -23.93
CA THR A 358 -40.36 4.73 -24.48
C THR A 358 -41.17 4.03 -23.40
N ASN A 359 -40.65 4.01 -22.19
CA ASN A 359 -41.30 3.35 -21.07
C ASN A 359 -41.66 1.89 -21.37
N LYS A 360 -40.73 1.19 -22.02
CA LYS A 360 -40.89 -0.22 -22.33
C LYS A 360 -39.60 -0.95 -21.98
N PRO A 361 -39.70 -2.25 -21.62
CA PRO A 361 -38.48 -3.03 -21.38
C PRO A 361 -37.80 -3.46 -22.67
N THR A 362 -36.48 -3.61 -22.62
CA THR A 362 -35.71 -4.08 -23.75
C THR A 362 -35.52 -5.59 -23.66
N ASN A 363 -34.76 -6.16 -24.58
CA ASN A 363 -34.43 -7.58 -24.52
C ASN A 363 -33.12 -7.80 -23.75
N TYR A 364 -32.60 -6.75 -23.15
CA TYR A 364 -31.37 -6.84 -22.39
C TYR A 364 -31.62 -6.91 -20.89
N THR A 365 -30.81 -7.72 -20.20
CA THR A 365 -30.84 -7.75 -18.75
C THR A 365 -29.41 -7.65 -18.20
N ILE A 366 -29.32 -7.30 -16.92
CA ILE A 366 -28.05 -7.26 -16.20
C ILE A 366 -28.09 -8.33 -15.12
N ASN A 367 -27.07 -9.17 -15.05
CA ASN A 367 -27.02 -10.20 -14.00
C ASN A 367 -26.42 -9.67 -12.70
N ASP A 368 -26.15 -10.55 -11.73
CA ASP A 368 -25.60 -10.09 -10.45
C ASP A 368 -24.12 -9.70 -10.57
N LYS A 369 -23.46 -10.11 -11.65
CA LYS A 369 -22.07 -9.71 -11.84
C LYS A 369 -21.99 -8.36 -12.59
N TYR A 370 -23.15 -7.71 -12.77
CA TYR A 370 -23.24 -6.47 -13.54
C TYR A 370 -22.85 -6.67 -15.01
N GLU A 371 -23.05 -7.90 -15.47
CA GLU A 371 -22.76 -8.27 -16.85
C GLU A 371 -24.00 -8.16 -17.72
N VAL A 372 -23.80 -7.84 -19.00
CA VAL A 372 -24.91 -7.60 -19.93
C VAL A 372 -25.34 -8.89 -20.64
N LEU A 373 -26.64 -9.18 -20.59
CA LEU A 373 -27.18 -10.31 -21.33
C LEU A 373 -28.16 -9.80 -22.39
N GLU A 374 -28.18 -10.45 -23.55
CA GLU A 374 -29.19 -10.16 -24.56
C GLU A 374 -30.02 -11.41 -24.81
N GLY A 375 -31.31 -11.32 -24.52
CA GLY A 375 -32.18 -12.47 -24.64
C GLY A 375 -31.65 -13.63 -23.80
N GLY A 376 -31.16 -13.29 -22.61
CA GLY A 376 -30.68 -14.29 -21.67
C GLY A 376 -29.29 -14.84 -21.95
N LYS A 377 -28.67 -14.42 -23.06
CA LYS A 377 -27.35 -14.94 -23.39
C LYS A 377 -26.23 -13.91 -23.21
N SER A 378 -25.10 -14.37 -22.70
CA SER A 378 -23.99 -13.50 -22.30
C SER A 378 -23.29 -12.80 -23.48
N LEU A 379 -23.26 -11.49 -23.44
CA LEU A 379 -22.44 -10.74 -24.39
C LEU A 379 -21.01 -10.69 -23.86
N THR A 380 -20.06 -10.52 -24.78
CA THR A 380 -18.65 -10.44 -24.40
C THR A 380 -17.98 -9.18 -24.94
N VAL A 381 -16.85 -8.82 -24.35
CA VAL A 381 -15.93 -7.84 -24.92
C VAL A 381 -14.55 -8.50 -25.04
N GLU A 382 -13.64 -7.85 -25.76
CA GLU A 382 -12.26 -8.33 -25.85
C GLU A 382 -11.43 -7.65 -24.76
N GLN A 383 -10.65 -8.45 -24.05
CA GLN A 383 -9.82 -7.98 -22.95
C GLN A 383 -8.62 -7.15 -23.45
N TYR A 384 -8.12 -6.25 -22.60
CA TYR A 384 -6.93 -5.47 -22.90
C TYR A 384 -5.74 -5.96 -22.09
N SER A 385 -4.54 -5.74 -22.64
CA SER A 385 -3.29 -5.94 -21.92
C SER A 385 -2.49 -4.64 -22.08
N VAL A 386 -1.50 -4.44 -21.21
CA VAL A 386 -0.66 -3.24 -21.32
C VAL A 386 0.82 -3.59 -21.53
N ASP A 387 1.55 -2.72 -22.19
CA ASP A 387 3.00 -2.91 -22.36
C ASP A 387 3.70 -1.59 -22.61
N PHE A 388 5.02 -1.60 -22.44
CA PHE A 388 5.86 -0.43 -22.71
C PHE A 388 6.86 -0.77 -23.80
N ASP A 389 6.55 -1.79 -24.61
CA ASP A 389 7.48 -2.25 -25.65
C ASP A 389 7.84 -1.17 -26.68
N SER A 390 6.95 -0.21 -26.89
CA SER A 390 7.20 0.86 -27.85
C SER A 390 7.90 2.07 -27.22
N GLY A 391 8.12 2.01 -25.91
CA GLY A 391 8.76 3.10 -25.21
C GLY A 391 7.76 4.00 -24.48
N SER A 392 6.48 3.76 -24.71
CA SER A 392 5.42 4.45 -23.98
C SER A 392 4.35 3.43 -23.64
N LEU A 393 3.45 3.77 -22.72
CA LEU A 393 2.38 2.86 -22.35
C LEU A 393 1.39 2.68 -23.50
N ARG A 394 1.12 1.41 -23.83
CA ARG A 394 0.14 1.07 -24.82
C ARG A 394 -0.86 0.12 -24.20
N GLU A 395 -2.14 0.37 -24.43
CA GLU A 395 -3.22 -0.47 -23.94
C GLU A 395 -3.92 -1.04 -25.15
N ARG A 396 -3.88 -2.37 -25.29
CA ARG A 396 -4.43 -2.97 -26.49
C ARG A 396 -5.09 -4.32 -26.30
N HIS A 397 -6.07 -4.57 -27.16
CA HIS A 397 -6.80 -5.82 -27.16
C HIS A 397 -5.88 -7.03 -27.31
N ASN A 398 -6.17 -8.09 -26.56
CA ASN A 398 -5.25 -9.23 -26.49
C ASN A 398 -5.80 -10.55 -27.03
N GLY A 399 -6.96 -10.50 -27.69
CA GLY A 399 -7.52 -11.69 -28.30
C GLY A 399 -8.38 -12.56 -27.40
N LYS A 400 -8.40 -12.25 -26.10
CA LYS A 400 -9.21 -13.02 -25.16
C LYS A 400 -10.58 -12.35 -24.94
N GLN A 401 -11.63 -13.15 -24.85
CA GLN A 401 -12.97 -12.61 -24.58
C GLN A 401 -13.37 -12.81 -23.12
N VAL A 402 -14.00 -11.78 -22.54
CA VAL A 402 -14.54 -11.85 -21.18
C VAL A 402 -15.96 -11.31 -21.21
N PRO A 403 -16.77 -11.65 -20.18
CA PRO A 403 -18.15 -11.16 -20.14
C PRO A 403 -18.23 -9.64 -20.14
N MET A 404 -19.20 -9.10 -20.88
CA MET A 404 -19.39 -7.66 -20.99
C MET A 404 -19.96 -7.13 -19.70
N ASN A 405 -19.25 -6.17 -19.10
CA ASN A 405 -19.67 -5.57 -17.83
C ASN A 405 -19.99 -4.10 -18.03
N VAL A 406 -21.04 -3.61 -17.37
CA VAL A 406 -21.47 -2.23 -17.57
C VAL A 406 -20.46 -1.20 -17.06
N PHE A 407 -19.46 -1.66 -16.32
CA PHE A 407 -18.37 -0.78 -15.86
C PHE A 407 -17.20 -0.69 -16.85
N TYR A 408 -17.31 -1.39 -17.99
CA TYR A 408 -16.20 -1.51 -18.93
C TYR A 408 -16.26 -0.49 -20.06
N LYS A 409 -15.09 -0.18 -20.61
CA LYS A 409 -14.99 0.77 -21.72
C LYS A 409 -15.69 0.24 -22.97
N ASP A 410 -15.61 -1.07 -23.19
CA ASP A 410 -16.12 -1.67 -24.42
C ASP A 410 -17.59 -2.10 -24.36
N SER A 411 -18.26 -1.84 -23.24
CA SER A 411 -19.64 -2.30 -23.07
C SER A 411 -20.66 -1.60 -23.97
N LEU A 412 -21.68 -2.36 -24.38
CA LEU A 412 -22.79 -1.81 -25.15
C LEU A 412 -23.62 -0.86 -24.29
N PHE A 413 -23.76 -1.19 -23.01
CA PHE A 413 -24.42 -0.32 -22.04
C PHE A 413 -23.42 0.09 -20.97
N LYS A 414 -23.33 1.39 -20.69
CA LYS A 414 -22.33 1.91 -19.77
C LYS A 414 -22.95 2.73 -18.63
N VAL A 415 -22.39 2.59 -17.43
CA VAL A 415 -22.85 3.37 -16.30
C VAL A 415 -22.30 4.79 -16.36
N THR A 416 -22.89 5.67 -15.56
CA THR A 416 -22.40 7.04 -15.44
C THR A 416 -20.94 7.05 -15.01
N PRO A 417 -20.09 7.85 -15.66
CA PRO A 417 -18.66 7.95 -15.32
C PRO A 417 -18.46 8.70 -14.02
N THR A 418 -18.79 8.06 -12.91
CA THR A 418 -18.62 8.67 -11.60
C THR A 418 -18.21 7.58 -10.64
N ASN A 419 -17.96 7.93 -9.39
CA ASN A 419 -17.55 6.91 -8.40
C ASN A 419 -18.74 6.34 -7.62
N TYR A 420 -18.65 5.06 -7.28
CA TYR A 420 -19.70 4.37 -6.55
C TYR A 420 -19.10 3.67 -5.33
N ILE A 421 -19.97 3.19 -4.44
CA ILE A 421 -19.54 2.30 -3.35
C ILE A 421 -20.23 0.96 -3.54
N ALA A 422 -19.48 -0.12 -3.43
CA ALA A 422 -20.07 -1.46 -3.50
C ALA A 422 -19.76 -2.23 -2.24
N MET A 423 -20.53 -3.28 -2.01
CA MET A 423 -20.32 -4.15 -0.86
C MET A 423 -20.27 -5.60 -1.32
N THR A 424 -19.46 -6.42 -0.64
CA THR A 424 -19.51 -7.85 -0.81
C THR A 424 -19.52 -8.46 0.58
N THR A 425 -19.94 -9.71 0.66
CA THR A 425 -19.99 -10.42 1.92
C THR A 425 -19.30 -11.77 1.79
N SER A 426 -18.88 -12.32 2.91
CA SER A 426 -18.32 -13.65 2.95
C SER A 426 -19.01 -14.42 4.04
N GLN A 427 -19.40 -15.65 3.74
CA GLN A 427 -20.05 -16.52 4.71
C GLN A 427 -19.06 -17.49 5.33
N ASN A 428 -17.80 -17.41 4.90
CA ASN A 428 -16.77 -18.34 5.40
C ASN A 428 -15.51 -17.60 5.87
N ARG A 429 -15.73 -16.43 6.46
CA ARG A 429 -14.67 -15.63 7.07
C ARG A 429 -13.50 -15.37 6.12
N GLY A 430 -13.81 -15.05 4.87
CA GLY A 430 -12.80 -14.63 3.91
C GLY A 430 -12.21 -15.74 3.05
N GLU A 431 -12.80 -16.94 3.08
CA GLU A 431 -12.34 -17.99 2.18
C GLU A 431 -12.88 -17.84 0.76
N SER A 432 -14.02 -17.15 0.64
CA SER A 432 -14.54 -16.69 -0.64
C SER A 432 -15.46 -15.49 -0.41
N TRP A 433 -15.69 -14.71 -1.48
CA TRP A 433 -16.52 -13.51 -1.44
C TRP A 433 -17.61 -13.58 -2.49
N GLU A 434 -18.78 -13.06 -2.14
CA GLU A 434 -19.92 -12.96 -3.03
C GLU A 434 -19.70 -11.94 -4.13
N GLN A 435 -20.55 -11.98 -5.14
CA GLN A 435 -20.55 -10.92 -6.15
C GLN A 435 -20.96 -9.60 -5.50
N PHE A 436 -20.26 -8.53 -5.85
CA PHE A 436 -20.53 -7.24 -5.21
C PHE A 436 -21.88 -6.65 -5.61
N LYS A 437 -22.47 -5.87 -4.71
CA LYS A 437 -23.68 -5.10 -4.99
C LYS A 437 -23.38 -3.62 -4.78
N LEU A 438 -23.96 -2.77 -5.61
CA LEU A 438 -23.80 -1.32 -5.41
C LEU A 438 -24.65 -0.84 -4.23
N LEU A 439 -24.08 0.05 -3.41
CA LEU A 439 -24.87 0.72 -2.39
C LEU A 439 -25.74 1.78 -3.04
N PRO A 440 -26.88 2.10 -2.42
CA PRO A 440 -27.70 3.19 -2.96
C PRO A 440 -26.99 4.53 -2.82
N PRO A 441 -27.41 5.54 -3.60
CA PRO A 441 -26.88 6.89 -3.40
C PRO A 441 -27.45 7.48 -2.11
N PHE A 442 -26.66 8.27 -1.40
CA PHE A 442 -27.10 8.81 -0.12
C PHE A 442 -27.30 10.33 -0.14
N LEU A 443 -26.85 10.99 -1.19
CA LEU A 443 -26.88 12.45 -1.24
C LEU A 443 -27.67 12.99 -2.44
N GLY A 444 -28.64 12.23 -2.91
CA GLY A 444 -29.49 12.67 -4.01
C GLY A 444 -28.98 12.37 -5.41
N GLU A 445 -29.83 12.61 -6.40
CA GLU A 445 -29.52 12.31 -7.80
C GLU A 445 -28.33 13.07 -8.39
N LYS A 446 -28.03 14.24 -7.82
CA LYS A 446 -27.04 15.14 -8.41
C LYS A 446 -25.74 15.24 -7.61
N HIS A 447 -25.32 14.12 -7.03
CA HIS A 447 -24.11 14.10 -6.21
C HIS A 447 -23.41 12.77 -6.39
N ASN A 448 -22.11 12.79 -6.67
CA ASN A 448 -21.35 11.57 -6.82
C ASN A 448 -21.30 10.78 -5.51
N GLY A 449 -20.83 9.55 -5.58
CA GLY A 449 -20.71 8.73 -4.38
C GLY A 449 -19.78 9.41 -3.39
N THR A 450 -20.01 9.14 -2.10
CA THR A 450 -19.04 9.54 -1.10
C THR A 450 -17.86 8.59 -1.23
N TYR A 451 -16.76 8.91 -0.56
CA TYR A 451 -15.53 8.14 -0.70
C TYR A 451 -15.32 7.32 0.56
N LEU A 452 -15.18 6.00 0.39
CA LEU A 452 -15.05 5.13 1.55
C LEU A 452 -13.77 5.41 2.31
N CYS A 453 -13.86 5.42 3.63
CA CYS A 453 -12.67 5.53 4.46
C CYS A 453 -12.04 4.15 4.58
N PRO A 454 -10.78 4.01 4.13
CA PRO A 454 -10.19 2.66 4.21
C PRO A 454 -9.88 2.22 5.63
N GLY A 455 -9.97 0.91 5.86
CA GLY A 455 -9.61 0.34 7.13
C GLY A 455 -10.70 -0.55 7.67
N GLN A 456 -11.22 -0.17 8.83
CA GLN A 456 -12.26 -0.92 9.52
C GLN A 456 -13.57 -0.18 9.49
N GLY A 457 -14.65 -0.93 9.33
CA GLY A 457 -15.97 -0.45 9.73
C GLY A 457 -16.08 -0.73 11.22
N LEU A 458 -17.20 -0.32 11.82
CA LEU A 458 -17.38 -0.48 13.26
C LEU A 458 -18.64 -1.26 13.58
N ALA A 459 -18.45 -2.35 14.31
CA ALA A 459 -19.55 -3.13 14.84
C ALA A 459 -19.72 -2.73 16.29
N LEU A 460 -20.92 -2.29 16.65
CA LEU A 460 -21.13 -1.83 18.02
CA LEU A 460 -21.13 -1.84 18.02
C LEU A 460 -21.24 -3.00 19.00
N LYS A 461 -20.75 -2.76 20.23
CA LYS A 461 -20.68 -3.81 21.25
C LYS A 461 -22.04 -4.34 21.72
N SER A 462 -23.01 -3.44 21.91
CA SER A 462 -24.30 -3.82 22.52
C SER A 462 -25.48 -3.84 21.56
N SER A 463 -25.21 -3.77 20.26
CA SER A 463 -26.28 -3.90 19.27
C SER A 463 -25.70 -4.52 18.01
N ASN A 464 -26.56 -4.76 17.03
CA ASN A 464 -26.14 -5.33 15.75
C ASN A 464 -25.79 -4.27 14.72
N ARG A 465 -25.66 -3.02 15.17
CA ARG A 465 -25.42 -1.91 14.27
C ARG A 465 -24.04 -1.97 13.62
N LEU A 466 -24.00 -1.77 12.31
CA LEU A 466 -22.75 -1.61 11.56
C LEU A 466 -22.61 -0.20 11.04
N ILE A 467 -21.41 0.36 11.14
CA ILE A 467 -21.15 1.70 10.61
C ILE A 467 -19.89 1.72 9.77
N PHE A 468 -19.99 2.30 8.57
CA PHE A 468 -18.82 2.56 7.75
C PHE A 468 -18.69 4.05 7.53
N ALA A 469 -17.52 4.60 7.87
CA ALA A 469 -17.22 6.01 7.61
C ALA A 469 -16.91 6.23 6.14
N THR A 470 -17.45 7.34 5.60
CA THR A 470 -17.08 7.82 4.27
C THR A 470 -16.91 9.33 4.38
N TYR A 471 -16.31 9.95 3.38
CA TYR A 471 -16.20 11.40 3.37
C TYR A 471 -16.59 11.97 2.01
N THR A 472 -16.95 13.24 2.01
CA THR A 472 -17.19 13.97 0.78
C THR A 472 -16.90 15.42 1.06
N SER A 473 -17.11 16.29 0.08
CA SER A 473 -16.85 17.70 0.29
C SER A 473 -17.73 18.24 1.42
N GLY A 474 -17.10 18.75 2.47
CA GLY A 474 -17.83 19.40 3.55
C GLY A 474 -18.37 18.53 4.69
N GLU A 475 -18.24 17.21 4.60
CA GLU A 475 -18.77 16.37 5.67
C GLU A 475 -18.17 14.97 5.73
N LEU A 476 -18.28 14.35 6.90
CA LEU A 476 -18.17 12.90 7.00
C LEU A 476 -19.58 12.35 6.80
N THR A 477 -19.69 11.26 6.08
CA THR A 477 -20.98 10.65 5.85
C THR A 477 -20.93 9.22 6.35
N TYR A 478 -21.45 9.00 7.55
CA TYR A 478 -21.48 7.66 8.11
C TYR A 478 -22.59 6.83 7.49
N LEU A 479 -22.24 5.64 7.01
CA LEU A 479 -23.23 4.73 6.45
C LEU A 479 -23.58 3.69 7.51
N ILE A 480 -24.86 3.64 7.88
CA ILE A 480 -25.31 2.81 8.98
C ILE A 480 -26.28 1.74 8.49
N SER A 481 -26.04 0.49 8.91
CA SER A 481 -26.98 -0.61 8.67
C SER A 481 -27.26 -1.36 9.96
N ASP A 482 -28.54 -1.63 10.19
CA ASP A 482 -28.95 -2.42 11.33
C ASP A 482 -29.44 -3.81 10.91
N ASP A 483 -29.30 -4.12 9.62
CA ASP A 483 -29.73 -5.41 9.09
C ASP A 483 -28.70 -6.10 8.21
N SER A 484 -27.46 -6.22 8.70
CA SER A 484 -26.44 -7.01 8.04
C SER A 484 -26.06 -6.46 6.66
N GLY A 485 -26.28 -5.17 6.47
CA GLY A 485 -25.91 -4.52 5.22
C GLY A 485 -26.97 -4.63 4.13
N GLN A 486 -28.14 -5.14 4.48
CA GLN A 486 -29.23 -5.24 3.52
C GLN A 486 -29.76 -3.86 3.14
N THR A 487 -29.86 -2.98 4.14
CA THR A 487 -30.29 -1.61 3.90
C THR A 487 -29.37 -0.65 4.64
N TRP A 488 -29.25 0.55 4.11
CA TRP A 488 -28.35 1.55 4.66
C TRP A 488 -29.03 2.89 4.81
N LYS A 489 -28.58 3.68 5.78
CA LYS A 489 -28.96 5.08 5.86
C LYS A 489 -27.71 5.89 6.14
N LYS A 490 -27.77 7.19 5.96
CA LYS A 490 -26.63 8.05 6.22
C LYS A 490 -26.82 8.84 7.51
N SER A 491 -25.71 9.16 8.15
CA SER A 491 -25.67 10.17 9.18
C SER A 491 -24.56 11.13 8.82
N SER A 492 -24.93 12.37 8.49
CA SER A 492 -23.94 13.36 8.07
C SER A 492 -23.40 14.15 9.25
N ALA A 493 -22.10 14.44 9.21
CA ALA A 493 -21.45 15.25 10.22
C ALA A 493 -20.59 16.30 9.52
N SER A 494 -20.99 17.56 9.63
CA SER A 494 -20.26 18.65 8.96
C SER A 494 -18.85 18.77 9.50
N ILE A 495 -17.90 19.07 8.62
CA ILE A 495 -16.52 19.31 9.02
C ILE A 495 -16.04 20.63 8.45
N PRO A 496 -15.19 21.35 9.22
CA PRO A 496 -14.77 22.70 8.80
C PRO A 496 -13.86 22.70 7.57
N PHE A 497 -14.16 21.84 6.59
CA PHE A 497 -13.27 21.61 5.46
C PHE A 497 -14.01 21.49 4.14
N LYS A 498 -13.49 22.16 3.13
CA LYS A 498 -13.93 21.92 1.77
C LYS A 498 -12.95 20.99 1.07
N ASN A 499 -13.50 19.98 0.40
CA ASN A 499 -12.74 19.08 -0.47
C ASN A 499 -11.59 18.30 0.18
N ALA A 500 -11.58 18.20 1.50
CA ALA A 500 -10.52 17.48 2.19
C ALA A 500 -10.62 15.97 1.93
N THR A 501 -9.47 15.31 1.93
CA THR A 501 -9.45 13.84 1.97
C THR A 501 -9.58 13.43 3.44
N ALA A 502 -10.82 13.46 3.95
CA ALA A 502 -11.09 13.30 5.37
C ALA A 502 -11.26 11.84 5.76
N GLU A 503 -10.20 11.07 5.59
CA GLU A 503 -10.21 9.66 5.93
C GLU A 503 -10.36 9.49 7.44
N ALA A 504 -11.36 8.72 7.85
CA ALA A 504 -11.78 8.67 9.25
C ALA A 504 -11.84 7.23 9.72
N GLN A 505 -11.48 7.00 10.97
CA GLN A 505 -11.59 5.68 11.58
C GLN A 505 -12.16 5.85 12.97
N MET A 506 -12.92 4.85 13.42
CA MET A 506 -13.75 4.95 14.61
C MET A 506 -13.32 3.97 15.69
N VAL A 507 -13.56 4.33 16.94
CA VAL A 507 -13.43 3.43 18.08
C VAL A 507 -14.63 3.62 18.97
N GLU A 508 -15.10 2.56 19.61
CA GLU A 508 -16.16 2.65 20.60
C GLU A 508 -15.52 2.82 21.98
N LEU A 509 -15.57 4.03 22.53
CA LEU A 509 -14.94 4.30 23.83
C LEU A 509 -15.62 3.56 24.96
N ARG A 510 -16.95 3.55 24.92
CA ARG A 510 -17.78 2.80 25.85
C ARG A 510 -19.12 2.63 25.17
N ASP A 511 -20.05 1.93 25.79
CA ASP A 511 -21.29 1.57 25.11
C ASP A 511 -22.07 2.74 24.47
N GLY A 512 -22.12 2.74 23.13
CA GLY A 512 -22.89 3.71 22.39
C GLY A 512 -22.15 5.00 22.11
N VAL A 513 -20.94 5.11 22.65
CA VAL A 513 -20.10 6.30 22.47
C VAL A 513 -18.98 5.98 21.49
N ILE A 514 -19.01 6.67 20.34
CA ILE A 514 -18.04 6.45 19.29
C ILE A 514 -17.17 7.69 19.12
N ARG A 515 -15.85 7.52 19.13
CA ARG A 515 -15.00 8.61 18.72
C ARG A 515 -14.37 8.32 17.37
N THR A 516 -14.49 9.29 16.47
CA THR A 516 -13.94 9.20 15.12
C THR A 516 -12.71 10.08 15.00
N PHE A 517 -11.58 9.51 14.59
CA PHE A 517 -10.37 10.26 14.32
C PHE A 517 -10.21 10.41 12.82
N PHE A 518 -9.89 11.62 12.35
CA PHE A 518 -9.79 11.81 10.92
C PHE A 518 -8.73 12.78 10.43
N ARG A 519 -8.30 12.53 9.21
CA ARG A 519 -7.30 13.32 8.51
C ARG A 519 -7.90 14.67 8.10
N THR A 520 -7.09 15.72 8.16
CA THR A 520 -7.50 17.08 7.79
C THR A 520 -6.46 17.77 6.92
N THR A 521 -6.65 19.08 6.72
CA THR A 521 -5.72 19.88 5.93
C THR A 521 -4.96 20.85 6.82
N THR A 522 -5.10 20.68 8.12
CA THR A 522 -4.56 21.61 9.12
C THR A 522 -3.20 21.20 9.71
N GLY A 523 -2.72 20.01 9.36
CA GLY A 523 -1.54 19.46 10.01
C GLY A 523 -1.81 18.77 11.35
N LYS A 524 -3.08 18.69 11.74
CA LYS A 524 -3.46 17.99 12.96
C LYS A 524 -4.58 17.00 12.68
N ILE A 525 -4.54 15.88 13.40
CA ILE A 525 -5.62 14.89 13.34
C ILE A 525 -6.81 15.45 14.10
N ALA A 526 -8.00 15.30 13.53
CA ALA A 526 -9.21 15.83 14.15
C ALA A 526 -10.02 14.69 14.75
N TYR A 527 -11.01 15.05 15.56
CA TYR A 527 -11.95 14.05 16.05
C TYR A 527 -13.31 14.63 16.36
N MET A 528 -14.30 13.76 16.35
CA MET A 528 -15.66 14.10 16.76
C MET A 528 -16.20 12.89 17.52
N THR A 529 -17.28 13.09 18.26
CA THR A 529 -17.85 12.05 19.10
C THR A 529 -19.35 11.92 18.92
N SER A 530 -19.83 10.68 18.90
CA SER A 530 -21.26 10.40 18.96
C SER A 530 -21.55 9.70 20.28
N ARG A 531 -22.70 10.02 20.88
CA ARG A 531 -23.10 9.40 22.14
C ARG A 531 -24.47 8.74 21.98
N ASP A 532 -24.85 8.47 20.74
CA ASP A 532 -26.09 7.78 20.44
C ASP A 532 -25.91 6.77 19.32
N SER A 533 -24.77 6.07 19.35
CA SER A 533 -24.50 5.00 18.39
C SER A 533 -24.49 5.46 16.93
N GLY A 534 -24.04 6.69 16.69
CA GLY A 534 -23.83 7.16 15.33
C GLY A 534 -24.95 7.99 14.74
N GLU A 535 -26.07 8.13 15.46
CA GLU A 535 -27.18 8.93 14.95
C GLU A 535 -26.78 10.38 14.75
N THR A 536 -26.11 10.94 15.75
CA THR A 536 -25.72 12.34 15.72
C THR A 536 -24.27 12.52 16.16
N TRP A 537 -23.67 13.64 15.78
CA TRP A 537 -22.24 13.89 15.97
C TRP A 537 -21.91 15.26 16.53
N SER A 538 -20.85 15.31 17.32
CA SER A 538 -20.42 16.54 17.97
C SER A 538 -19.65 17.46 17.02
N LYS A 539 -19.35 18.66 17.50
CA LYS A 539 -18.42 19.51 16.80
C LYS A 539 -17.04 18.86 16.74
N VAL A 540 -16.18 19.43 15.92
CA VAL A 540 -14.84 18.90 15.67
C VAL A 540 -13.81 19.50 16.63
N SER A 541 -12.96 18.63 17.17
CA SER A 541 -11.80 19.05 17.96
C SER A 541 -10.54 18.52 17.30
N TYR A 542 -9.38 18.93 17.82
CA TYR A 542 -8.10 18.51 17.28
C TYR A 542 -7.18 17.96 18.35
N ILE A 543 -6.33 17.03 17.95
CA ILE A 543 -5.30 16.51 18.82
C ILE A 543 -4.07 17.42 18.69
N ASP A 544 -3.68 18.04 19.80
CA ASP A 544 -2.39 18.68 19.88
C ASP A 544 -1.44 17.57 20.31
N GLY A 545 -0.26 17.51 19.69
CA GLY A 545 0.74 16.55 20.10
C GLY A 545 1.14 15.54 19.04
N ILE A 546 0.36 15.48 17.96
CA ILE A 546 0.71 14.67 16.81
C ILE A 546 0.78 15.60 15.61
N GLN A 547 1.86 15.51 14.83
CA GLN A 547 1.97 16.33 13.61
C GLN A 547 1.69 15.52 12.35
N GLN A 548 0.94 16.13 11.42
CA GLN A 548 0.86 15.63 10.05
C GLN A 548 1.27 16.74 9.10
N THR A 549 1.40 16.39 7.82
CA THR A 549 1.66 17.37 6.78
C THR A 549 0.39 18.15 6.47
N SER A 550 0.54 19.20 5.69
CA SER A 550 -0.60 19.96 5.22
C SER A 550 -1.66 19.13 4.49
N TYR A 551 -1.21 18.10 3.76
CA TYR A 551 -2.15 17.30 3.00
C TYR A 551 -2.70 16.12 3.82
N GLY A 552 -1.99 15.73 4.86
CA GLY A 552 -2.46 14.70 5.79
C GLY A 552 -2.22 13.27 5.32
N THR A 553 -2.51 12.32 6.21
CA THR A 553 -2.38 10.88 5.95
C THR A 553 -3.46 10.15 6.72
N GLN A 554 -3.95 9.04 6.18
CA GLN A 554 -4.88 8.17 6.88
C GLN A 554 -4.33 7.87 8.29
N VAL A 555 -5.23 7.83 9.27
CA VAL A 555 -4.90 7.42 10.63
C VAL A 555 -5.76 6.21 10.96
N SER A 556 -5.15 5.15 11.47
CA SER A 556 -5.94 4.01 11.92
C SER A 556 -6.00 4.04 13.43
N ALA A 557 -7.03 3.41 14.00
CA ALA A 557 -7.34 3.61 15.41
C ALA A 557 -8.08 2.42 15.96
N ILE A 558 -7.68 2.00 17.16
CA ILE A 558 -8.43 0.92 17.84
C ILE A 558 -8.62 1.21 19.33
N LYS A 559 -9.64 0.57 19.89
CA LYS A 559 -9.85 0.55 21.34
C LYS A 559 -9.26 -0.76 21.83
N TYR A 560 -8.25 -0.68 22.68
CA TYR A 560 -7.57 -1.87 23.21
C TYR A 560 -8.47 -2.54 24.25
N SER A 561 -8.46 -3.87 24.28
CA SER A 561 -9.36 -4.61 25.17
C SER A 561 -8.95 -4.63 26.64
N GLN A 562 -7.68 -4.35 26.92
CA GLN A 562 -7.12 -4.46 28.26
C GLN A 562 -6.79 -3.07 28.79
N LEU A 563 -6.84 -2.93 30.12
CA LEU A 563 -6.44 -1.67 30.75
C LEU A 563 -4.94 -1.50 30.62
N ILE A 564 -4.51 -0.24 30.48
CA ILE A 564 -3.11 0.12 30.52
C ILE A 564 -3.00 1.21 31.59
N ASP A 565 -2.09 1.01 32.54
CA ASP A 565 -1.97 1.91 33.69
C ASP A 565 -3.31 2.07 34.43
N GLY A 566 -4.09 1.00 34.46
CA GLY A 566 -5.37 1.00 35.11
C GLY A 566 -6.44 1.82 34.42
N LYS A 567 -6.19 2.19 33.16
CA LYS A 567 -7.15 3.00 32.41
C LYS A 567 -7.49 2.38 31.06
N GLU A 568 -8.63 2.75 30.50
CA GLU A 568 -9.00 2.26 29.20
C GLU A 568 -8.15 2.98 28.16
N ALA A 569 -7.85 2.28 27.07
CA ALA A 569 -6.82 2.78 26.15
C ALA A 569 -7.26 2.75 24.69
N VAL A 570 -6.83 3.79 23.97
CA VAL A 570 -7.00 3.88 22.52
C VAL A 570 -5.61 3.91 21.91
N ILE A 571 -5.44 3.26 20.76
CA ILE A 571 -4.16 3.29 20.07
C ILE A 571 -4.34 3.84 18.66
N LEU A 572 -3.55 4.86 18.31
CA LEU A 572 -3.55 5.45 16.99
C LEU A 572 -2.28 5.06 16.24
N SER A 573 -2.40 4.88 14.92
CA SER A 573 -1.24 4.65 14.04
C SER A 573 -1.23 5.73 12.96
N THR A 574 -0.09 6.38 12.78
CA THR A 574 0.03 7.52 11.86
C THR A 574 1.47 7.90 11.72
N PRO A 575 1.85 8.50 10.58
CA PRO A 575 3.11 9.23 10.56
C PRO A 575 3.03 10.38 11.56
N ASN A 576 4.14 10.70 12.19
CA ASN A 576 4.18 11.89 13.05
C ASN A 576 5.27 12.80 12.52
N SER A 577 4.88 13.64 11.56
CA SER A 577 5.83 14.48 10.83
C SER A 577 5.08 15.62 10.16
N ARG A 578 5.64 16.82 10.21
CA ARG A 578 5.06 17.97 9.50
C ARG A 578 5.54 18.02 8.06
N SER A 579 6.49 17.15 7.72
CA SER A 579 7.26 17.25 6.49
C SER A 579 6.86 16.26 5.40
N GLY A 580 6.69 14.99 5.78
CA GLY A 580 6.37 13.96 4.79
C GLY A 580 5.68 12.80 5.45
N ARG A 581 5.45 11.74 4.68
CA ARG A 581 4.87 10.52 5.23
C ARG A 581 6.00 9.61 5.73
N LYS A 582 6.41 9.89 6.96
CA LYS A 582 7.59 9.28 7.58
C LYS A 582 7.43 9.41 9.09
N GLY A 583 8.33 8.75 9.83
CA GLY A 583 8.29 8.85 11.28
C GLY A 583 7.04 8.21 11.86
N GLY A 584 6.79 6.98 11.45
CA GLY A 584 5.58 6.28 11.88
C GLY A 584 5.57 6.01 13.37
N GLN A 585 4.39 6.19 13.96
CA GLN A 585 4.24 5.95 15.40
C GLN A 585 2.97 5.21 15.73
N LEU A 586 3.00 4.47 16.83
CA LEU A 586 1.78 4.11 17.52
C LEU A 586 1.70 5.04 18.71
N VAL A 587 0.53 5.63 18.92
CA VAL A 587 0.35 6.55 20.03
C VAL A 587 -0.72 5.97 20.95
N VAL A 588 -0.36 5.71 22.21
CA VAL A 588 -1.30 5.14 23.17
C VAL A 588 -1.92 6.24 24.02
N GLY A 589 -3.25 6.32 24.01
CA GLY A 589 -3.97 7.30 24.82
C GLY A 589 -4.83 6.63 25.88
N LEU A 590 -4.84 7.22 27.07
CA LEU A 590 -5.67 6.70 28.16
C LEU A 590 -6.89 7.57 28.36
N VAL A 591 -8.05 6.95 28.53
CA VAL A 591 -9.32 7.68 28.62
C VAL A 591 -9.58 8.15 30.04
N ASN A 592 -9.88 9.44 30.16
CA ASN A 592 -10.37 10.03 31.39
C ASN A 592 -11.87 9.80 31.48
N LYS A 593 -12.30 8.94 32.40
CA LYS A 593 -13.71 8.55 32.50
C LYS A 593 -14.63 9.72 32.88
N GLU A 594 -14.03 10.81 33.36
CA GLU A 594 -14.75 12.01 33.73
C GLU A 594 -15.53 12.58 32.54
N ASP A 595 -14.85 12.73 31.41
CA ASP A 595 -15.36 13.50 30.29
C ASP A 595 -15.02 12.86 28.95
N ASP A 596 -14.59 11.60 28.99
CA ASP A 596 -14.20 10.88 27.78
C ASP A 596 -13.03 11.53 27.05
N SER A 597 -12.29 12.40 27.71
CA SER A 597 -11.09 12.96 27.10
C SER A 597 -9.97 11.92 27.14
N ILE A 598 -8.96 12.12 26.30
CA ILE A 598 -7.87 11.16 26.15
C ILE A 598 -6.51 11.82 26.37
N ASP A 599 -5.72 11.25 27.28
CA ASP A 599 -4.35 11.69 27.50
CA ASP A 599 -4.35 11.69 27.49
C ASP A 599 -3.40 10.83 26.67
N TRP A 600 -2.81 11.42 25.63
CA TRP A 600 -1.86 10.71 24.79
C TRP A 600 -0.52 10.57 25.49
N LYS A 601 -0.34 9.43 26.14
CA LYS A 601 0.72 9.24 27.12
C LYS A 601 2.00 8.60 26.58
N TYR A 602 1.86 7.67 25.64
CA TYR A 602 3.00 6.94 25.11
C TYR A 602 3.11 7.10 23.59
N HIS A 603 4.32 7.31 23.08
CA HIS A 603 4.60 7.35 21.64
C HIS A 603 5.65 6.29 21.32
N TYR A 604 5.32 5.36 20.44
CA TYR A 604 6.29 4.35 20.00
C TYR A 604 6.70 4.59 18.55
N GLY A 605 7.99 4.75 18.31
CA GLY A 605 8.48 4.94 16.95
C GLY A 605 8.60 3.58 16.23
N ILE A 606 7.86 3.42 15.15
CA ILE A 606 7.89 2.18 14.37
C ILE A 606 9.28 1.94 13.76
N ASP A 607 9.90 3.02 13.30
CA ASP A 607 11.26 2.99 12.77
C ASP A 607 11.73 4.44 12.79
N LEU A 608 12.88 4.73 12.17
CA LEU A 608 13.52 6.04 12.24
C LEU A 608 12.59 7.15 11.79
N PRO A 609 12.73 8.35 12.37
CA PRO A 609 11.91 9.49 11.97
C PRO A 609 12.00 9.78 10.46
N SER A 610 13.13 9.45 9.84
CA SER A 610 13.32 9.74 8.42
C SER A 610 12.87 8.62 7.49
N TYR A 611 12.50 7.47 8.05
CA TYR A 611 12.06 6.35 7.21
C TYR A 611 10.55 6.40 6.97
N GLY A 612 10.13 5.94 5.79
CA GLY A 612 8.77 6.11 5.32
C GLY A 612 7.70 5.40 6.12
N TYR A 613 6.56 6.06 6.27
CA TYR A 613 5.40 5.45 6.91
C TYR A 613 4.17 6.19 6.43
N ALA A 614 3.28 5.50 5.73
CA ALA A 614 2.13 6.17 5.13
C ALA A 614 0.82 5.60 5.65
N TYR A 615 -0.01 5.04 4.78
CA TYR A 615 -1.26 4.46 5.24
C TYR A 615 -0.98 3.22 6.07
N SER A 616 -1.88 2.95 7.01
CA SER A 616 -1.64 1.89 7.96
C SER A 616 -2.92 1.23 8.44
N ALA A 617 -2.74 0.01 8.93
CA ALA A 617 -3.81 -0.77 9.52
C ALA A 617 -3.32 -1.32 10.86
N ILE A 618 -4.15 -1.19 11.90
CA ILE A 618 -3.83 -1.80 13.18
C ILE A 618 -4.97 -2.63 13.73
N THR A 619 -4.63 -3.74 14.38
CA THR A 619 -5.66 -4.51 15.06
C THR A 619 -5.08 -5.22 16.25
N GLU A 620 -5.90 -5.39 17.28
CA GLU A 620 -5.53 -6.22 18.41
C GLU A 620 -5.72 -7.67 18.01
N LEU A 621 -4.64 -8.42 18.07
CA LEU A 621 -4.67 -9.85 17.80
C LEU A 621 -5.36 -10.54 18.98
N PRO A 622 -5.90 -11.74 18.76
CA PRO A 622 -6.61 -12.40 19.85
C PRO A 622 -5.73 -12.67 21.08
N ASN A 623 -4.42 -12.72 20.91
CA ASN A 623 -3.51 -12.91 22.03
C ASN A 623 -3.10 -11.62 22.72
N HIS A 624 -3.76 -10.52 22.33
CA HIS A 624 -3.55 -9.18 22.88
C HIS A 624 -2.26 -8.50 22.43
N HIS A 625 -1.55 -9.12 21.49
CA HIS A 625 -0.54 -8.38 20.74
C HIS A 625 -1.23 -7.42 19.80
N ILE A 626 -0.44 -6.53 19.18
CA ILE A 626 -0.93 -5.60 18.18
C ILE A 626 -0.29 -5.94 16.85
N GLY A 627 -1.11 -6.14 15.83
CA GLY A 627 -0.61 -6.30 14.47
C GLY A 627 -0.72 -5.00 13.71
N VAL A 628 0.33 -4.67 12.95
CA VAL A 628 0.38 -3.44 12.15
C VAL A 628 0.75 -3.84 10.72
N LEU A 629 -0.10 -3.49 9.77
CA LEU A 629 0.18 -3.68 8.35
C LEU A 629 0.23 -2.28 7.76
N PHE A 630 1.37 -1.89 7.21
CA PHE A 630 1.54 -0.49 6.83
C PHE A 630 2.39 -0.30 5.60
N GLU A 631 2.20 0.85 4.95
CA GLU A 631 2.99 1.24 3.81
C GLU A 631 4.32 1.81 4.33
N LYS A 632 5.40 1.04 4.21
CA LYS A 632 6.71 1.49 4.67
C LYS A 632 7.42 2.31 3.59
N TYR A 633 6.80 3.41 3.19
CA TYR A 633 7.41 4.34 2.25
C TYR A 633 6.61 5.61 2.26
N ASP A 634 7.15 6.63 1.62
CA ASP A 634 6.41 7.88 1.55
C ASP A 634 5.52 7.86 0.31
N SER A 635 4.25 7.56 0.54
CA SER A 635 3.30 7.36 -0.56
C SER A 635 2.80 8.68 -1.16
N TRP A 636 3.28 9.81 -0.66
CA TRP A 636 3.01 11.09 -1.27
C TRP A 636 4.13 11.48 -2.22
N SER A 637 5.37 11.11 -1.85
CA SER A 637 6.52 11.58 -2.62
C SER A 637 6.52 11.11 -4.08
N ARG A 638 6.76 12.04 -5.00
CA ARG A 638 6.86 11.68 -6.42
C ARG A 638 8.20 11.00 -6.75
N ASN A 639 9.07 10.84 -5.75
CA ASN A 639 10.30 10.08 -5.91
C ASN A 639 10.16 8.62 -5.49
N GLU A 640 9.04 8.26 -4.88
CA GLU A 640 8.88 6.90 -4.33
C GLU A 640 7.69 6.15 -4.91
N LEU A 641 7.27 6.53 -6.11
CA LEU A 641 6.21 5.83 -6.84
C LEU A 641 6.70 4.45 -7.24
N HIS A 642 5.77 3.50 -7.32
CA HIS A 642 6.01 2.22 -8.00
C HIS A 642 7.10 1.39 -7.33
N LEU A 643 6.99 1.22 -6.02
CA LEU A 643 7.90 0.36 -5.26
C LEU A 643 7.18 -0.92 -4.91
N SER A 644 7.89 -2.04 -5.05
CA SER A 644 7.33 -3.34 -4.70
CA SER A 644 7.37 -3.37 -4.71
C SER A 644 7.67 -3.78 -3.27
N ASN A 645 6.72 -4.46 -2.65
CA ASN A 645 6.94 -5.12 -1.36
C ASN A 645 7.32 -4.14 -0.24
N VAL A 646 6.61 -3.01 -0.23
CA VAL A 646 6.77 -2.02 0.84
C VAL A 646 5.62 -2.02 1.85
N VAL A 647 4.52 -2.73 1.53
CA VAL A 647 3.44 -2.94 2.51
C VAL A 647 3.86 -4.16 3.34
N GLN A 648 4.13 -3.92 4.62
CA GLN A 648 4.75 -4.90 5.50
C GLN A 648 3.99 -5.02 6.81
N TYR A 649 4.12 -6.19 7.43
CA TYR A 649 3.38 -6.54 8.66
C TYR A 649 4.35 -6.76 9.82
N ILE A 650 4.06 -6.13 10.97
CA ILE A 650 4.83 -6.38 12.18
C ILE A 650 3.91 -6.75 13.35
N ASP A 651 4.49 -7.40 14.36
CA ASP A 651 3.78 -7.77 15.58
C ASP A 651 4.41 -7.03 16.76
N LEU A 652 3.59 -6.31 17.53
CA LEU A 652 4.09 -5.59 18.69
C LEU A 652 3.34 -6.00 19.96
N GLU A 653 4.01 -5.86 21.10
CA GLU A 653 3.37 -6.07 22.40
C GLU A 653 3.22 -4.74 23.12
N ILE A 654 2.26 -4.65 24.04
CA ILE A 654 2.02 -3.38 24.73
C ILE A 654 3.27 -2.90 25.46
N ASN A 655 4.00 -3.82 26.06
CA ASN A 655 5.24 -3.46 26.73
C ASN A 655 6.27 -2.81 25.79
N ASP A 656 6.21 -3.14 24.50
CA ASP A 656 7.12 -2.49 23.53
C ASP A 656 6.75 -1.03 23.38
N LEU A 657 5.47 -0.72 23.59
CA LEU A 657 4.98 0.61 23.29
C LEU A 657 5.15 1.57 24.46
N THR A 658 5.18 1.01 25.66
CA THR A 658 5.17 1.81 26.87
C THR A 658 6.55 1.85 27.51
CAF OPX B . -9.15 -9.34 21.52
CAG OPX B . -10.61 -9.51 21.84
CAH OPX B . -8.97 -9.21 20.03
CAI OPX B . -11.41 -8.36 21.29
CAJ OPX B . -9.77 -8.09 19.45
CAK OPX B . -12.15 -7.04 17.90
CAL OPX B . -11.79 -4.56 17.36
CAM OPX B . -12.79 -5.97 15.70
CAO OPX B . -11.63 -3.96 16.01
CAP OPX B . -11.69 -5.11 15.08
CAQ OPX B . -11.24 -8.23 19.81
CAR OPX B . -12.69 -5.76 17.20
NAN OPX B . -12.00 -7.05 19.38
OAA OPX B . -14.15 -5.17 19.33
OAB OPX B . -14.76 -4.10 17.23
OAC OPX B . -10.46 -3.25 15.89
OAD OPX B . -10.53 -5.82 15.06
OAE OPX B . -15.23 -6.43 17.55
SAS OPX B . -14.29 -5.34 17.87
S DMS C . -6.15 6.56 -1.29
O DMS C . -6.39 5.43 -2.24
C1 DMS C . -4.41 7.06 -1.45
C2 DMS C . -6.91 8.03 -2.03
P PO4 D . 30.85 12.21 -7.79
O1 PO4 D . 31.61 12.91 -6.68
O2 PO4 D . 31.82 11.74 -8.86
O3 PO4 D . 30.15 11.02 -7.18
O4 PO4 D . 29.86 13.17 -8.38
S DMS E . 14.69 -12.92 -2.54
O DMS E . 15.48 -13.08 -1.28
C1 DMS E . 15.31 -14.08 -3.78
C2 DMS E . 13.05 -13.68 -2.26
S DMS F . 10.21 -12.18 1.85
O DMS F . 8.92 -12.53 2.52
C1 DMS F . 10.90 -10.72 2.68
C2 DMS F . 11.45 -13.44 2.29
S DMS G . -6.80 -15.50 -6.83
O DMS G . -6.07 -14.29 -6.31
C1 DMS G . -8.57 -15.34 -6.46
C2 DMS G . -6.86 -15.42 -8.64
#